data_7U6P
#
_entry.id   7U6P
#
_cell.length_a   74.806
_cell.length_b   85.879
_cell.length_c   154.738
_cell.angle_alpha   90.000
_cell.angle_beta   90.000
_cell.angle_gamma   90.000
#
_symmetry.space_group_name_H-M   'P 21 21 21'
#
loop_
_entity.id
_entity.type
_entity.pdbx_description
1 polymer 'Ornithine decarboxylase'
2 non-polymer 'PHOSPHATE ION'
3 water water
#
_entity_poly.entity_id   1
_entity_poly.type   'polypeptide(L)'
_entity_poly.pdbx_seq_one_letter_code
;MNNFGNEEFDCHFLDEGFTAKDILDQKINEVSSSDDKDAFYVADLGDILKKHLRWLKALPRVTPFYAVKCNDSKAIVKTL
AATRTGFDCASKTEIQLVQSLGVPPERIIYANPCKQVSQIKYAANNGVQMMTFDSEVELMKVARAHPKAKLVLRIATDDS
KAVCRLSVKFGATLRTSRLLLERAKELNIDVVGVSFHVGSGCTDPETFVQAISDARCVFDMGAEVGFSMYLLDIGGGFPG
SEDVKLKFEEITGVINPALDKYFPSDSGVRIIAEPGRYYVASAFTLAVNIIAKKIVLKEQTGSDDEDESSEQTFMYYVND
GVYGSFNCILYDHAHVKPLLQKRPKPDEKYYSSSIWGPTCDGLDRIVERCDLPEMHVGDWMLFENMGAYTVAAASTFNGF
QRPTIYYVMSGPAWQLMQQFQNPD
;
_entity_poly.pdbx_strand_id   A,B
#
# COMPACT_ATOMS: atom_id res chain seq x y z
N MET A 1 -16.89 -1.68 -24.65
CA MET A 1 -17.14 -2.22 -23.32
C MET A 1 -17.22 -1.10 -22.29
N ASN A 2 -18.41 -0.92 -21.72
CA ASN A 2 -18.64 0.11 -20.70
C ASN A 2 -19.46 -0.49 -19.58
N ASN A 3 -19.01 -0.28 -18.34
CA ASN A 3 -19.69 -0.86 -17.20
C ASN A 3 -21.06 -0.23 -17.00
N PHE A 4 -22.00 -1.06 -16.57
CA PHE A 4 -23.40 -0.68 -16.40
C PHE A 4 -23.65 -0.47 -14.92
N GLY A 5 -23.55 0.78 -14.47
CA GLY A 5 -23.72 1.08 -13.07
C GLY A 5 -22.45 0.90 -12.25
N ASN A 6 -22.33 -0.22 -11.54
CA ASN A 6 -21.20 -0.50 -10.67
C ASN A 6 -20.50 -1.75 -11.14
N GLU A 7 -19.17 -1.68 -11.25
CA GLU A 7 -18.37 -2.80 -11.74
C GLU A 7 -18.49 -4.02 -10.83
N GLU A 8 -18.64 -3.78 -9.52
CA GLU A 8 -18.58 -4.84 -8.51
C GLU A 8 -19.45 -6.03 -8.88
N PHE A 9 -20.69 -5.79 -9.31
CA PHE A 9 -21.61 -6.86 -9.63
C PHE A 9 -21.98 -6.92 -11.10
N ASP A 10 -21.38 -6.08 -11.95
CA ASP A 10 -21.66 -6.07 -13.37
C ASP A 10 -20.72 -7.02 -14.09
N CYS A 11 -21.29 -7.95 -14.86
CA CYS A 11 -20.52 -8.91 -15.65
C CYS A 11 -20.93 -8.81 -17.12
N HIS A 12 -19.93 -8.87 -18.00
CA HIS A 12 -20.12 -8.79 -19.44
C HIS A 12 -20.01 -10.16 -20.09
N PHE A 13 -20.71 -10.33 -21.20
CA PHE A 13 -20.68 -11.58 -21.95
C PHE A 13 -19.40 -11.69 -22.76
N LEU A 14 -18.90 -12.91 -22.89
CA LEU A 14 -17.79 -13.23 -23.78
C LEU A 14 -18.34 -14.06 -24.93
N ASP A 15 -18.27 -13.51 -26.14
CA ASP A 15 -18.87 -14.17 -27.29
C ASP A 15 -18.01 -15.36 -27.73
N GLU A 16 -18.66 -16.29 -28.43
CA GLU A 16 -17.98 -17.49 -28.90
C GLU A 16 -16.80 -17.13 -29.80
N GLY A 17 -15.67 -17.79 -29.57
CA GLY A 17 -14.47 -17.52 -30.32
C GLY A 17 -13.65 -16.35 -29.82
N PHE A 18 -14.05 -15.74 -28.71
CA PHE A 18 -13.35 -14.58 -28.14
C PHE A 18 -12.75 -14.96 -26.80
N THR A 19 -11.53 -14.50 -26.56
CA THR A 19 -10.83 -14.72 -25.29
C THR A 19 -10.72 -13.40 -24.55
N ALA A 20 -10.13 -13.45 -23.36
CA ALA A 20 -9.96 -12.24 -22.56
C ALA A 20 -9.07 -11.23 -23.28
N LYS A 21 -8.02 -11.72 -23.94
CA LYS A 21 -7.11 -10.84 -24.68
C LYS A 21 -7.85 -10.11 -25.79
N ASP A 22 -8.75 -10.81 -26.49
CA ASP A 22 -9.52 -10.19 -27.56
C ASP A 22 -10.40 -9.07 -27.02
N ILE A 23 -11.02 -9.28 -25.86
CA ILE A 23 -11.85 -8.26 -25.24
C ILE A 23 -11.01 -7.04 -24.90
N LEU A 24 -9.79 -7.29 -24.38
CA LEU A 24 -8.90 -6.19 -24.04
C LEU A 24 -8.56 -5.38 -25.29
N ASP A 25 -8.34 -6.06 -26.42
CA ASP A 25 -8.06 -5.38 -27.67
C ASP A 25 -9.24 -4.53 -28.12
N GLN A 26 -10.46 -5.06 -27.98
CA GLN A 26 -11.63 -4.30 -28.38
C GLN A 26 -11.77 -3.03 -27.55
N LYS A 27 -11.59 -3.15 -26.23
CA LYS A 27 -11.71 -1.96 -25.38
C LYS A 27 -10.67 -0.92 -25.78
N ILE A 28 -9.43 -1.35 -26.04
CA ILE A 28 -8.40 -0.40 -26.40
C ILE A 28 -8.71 0.27 -27.75
N ASN A 29 -9.18 -0.50 -28.72
CA ASN A 29 -9.54 0.10 -30.01
C ASN A 29 -10.68 1.10 -29.86
N GLU A 30 -11.63 0.82 -28.96
CA GLU A 30 -12.78 1.71 -28.78
C GLU A 30 -12.36 3.09 -28.28
N VAL A 31 -11.38 3.15 -27.39
CA VAL A 31 -10.99 4.40 -26.74
C VAL A 31 -9.80 5.06 -27.44
N SER A 32 -9.57 4.71 -28.71
CA SER A 32 -8.38 5.15 -29.43
C SER A 32 -8.20 6.66 -29.50
N SER A 33 -9.28 7.45 -29.50
CA SER A 33 -9.11 8.88 -29.67
C SER A 33 -9.68 9.74 -28.54
N SER A 34 -10.99 9.72 -28.32
CA SER A 34 -11.60 10.74 -27.46
C SER A 34 -11.45 10.44 -25.98
N ASP A 35 -11.53 9.17 -25.59
CA ASP A 35 -11.64 8.82 -24.19
C ASP A 35 -10.34 9.10 -23.43
N ASP A 36 -10.50 9.39 -22.14
CA ASP A 36 -9.34 9.40 -21.25
C ASP A 36 -8.86 7.96 -21.09
N LYS A 37 -7.56 7.75 -21.20
CA LYS A 37 -7.01 6.40 -21.24
C LYS A 37 -6.52 6.00 -19.84
N ASP A 38 -7.49 5.80 -18.96
CA ASP A 38 -7.22 5.33 -17.61
C ASP A 38 -6.93 3.83 -17.64
N ALA A 39 -6.07 3.39 -16.71
CA ALA A 39 -5.74 1.99 -16.57
C ALA A 39 -6.98 1.17 -16.19
N PHE A 40 -7.04 -0.07 -16.69
CA PHE A 40 -8.17 -0.92 -16.37
C PHE A 40 -7.75 -2.39 -16.39
N TYR A 41 -8.51 -3.20 -15.65
CA TYR A 41 -8.37 -4.64 -15.62
C TYR A 41 -9.44 -5.29 -16.48
N VAL A 42 -9.08 -6.43 -17.07
CA VAL A 42 -10.04 -7.39 -17.59
C VAL A 42 -9.89 -8.66 -16.75
N ALA A 43 -10.97 -9.06 -16.08
CA ALA A 43 -11.00 -10.22 -15.20
C ALA A 43 -11.92 -11.27 -15.79
N ASP A 44 -11.34 -12.42 -16.16
CA ASP A 44 -12.09 -13.53 -16.75
C ASP A 44 -12.51 -14.49 -15.63
N LEU A 45 -13.78 -14.42 -15.23
CA LEU A 45 -14.29 -15.32 -14.21
C LEU A 45 -14.32 -16.76 -14.70
N GLY A 46 -14.40 -16.96 -16.02
CA GLY A 46 -14.31 -18.30 -16.58
C GLY A 46 -12.98 -18.96 -16.30
N ASP A 47 -11.91 -18.17 -16.26
CA ASP A 47 -10.61 -18.72 -15.90
C ASP A 47 -10.62 -19.25 -14.47
N ILE A 48 -11.31 -18.55 -13.57
CA ILE A 48 -11.42 -19.02 -12.19
C ILE A 48 -12.21 -20.33 -12.13
N LEU A 49 -13.28 -20.43 -12.92
CA LEU A 49 -14.03 -21.69 -12.95
C LEU A 49 -13.17 -22.82 -13.51
N LYS A 50 -12.39 -22.54 -14.56
CA LYS A 50 -11.50 -23.55 -15.11
C LYS A 50 -10.48 -23.99 -14.05
N LYS A 51 -9.97 -23.04 -13.27
CA LYS A 51 -9.07 -23.38 -12.17
C LYS A 51 -9.76 -24.29 -11.16
N HIS A 52 -11.03 -24.04 -10.86
CA HIS A 52 -11.73 -24.93 -9.94
C HIS A 52 -11.86 -26.34 -10.51
N LEU A 53 -12.15 -26.44 -11.81
CA LEU A 53 -12.26 -27.75 -12.46
C LEU A 53 -10.93 -28.47 -12.37
N ARG A 54 -9.84 -27.75 -12.63
CA ARG A 54 -8.49 -28.32 -12.58
C ARG A 54 -8.14 -28.75 -11.16
N TRP A 55 -8.57 -27.99 -10.16
CA TRP A 55 -8.33 -28.39 -8.77
C TRP A 55 -9.09 -29.69 -8.44
N LEU A 56 -10.37 -29.75 -8.82
CA LEU A 56 -11.14 -30.97 -8.58
C LEU A 56 -10.49 -32.17 -9.25
N LYS A 57 -9.86 -31.97 -10.42
CA LYS A 57 -9.27 -33.12 -11.09
C LYS A 57 -7.88 -33.47 -10.57
N ALA A 58 -7.15 -32.52 -9.98
CA ALA A 58 -5.81 -32.79 -9.50
C ALA A 58 -5.76 -33.19 -8.02
N LEU A 59 -6.65 -32.66 -7.20
CA LEU A 59 -6.65 -32.92 -5.75
C LEU A 59 -8.04 -33.36 -5.31
N PRO A 60 -8.50 -34.53 -5.76
CA PRO A 60 -9.90 -34.91 -5.50
C PRO A 60 -10.25 -35.07 -4.02
N ARG A 61 -9.27 -35.29 -3.14
CA ARG A 61 -9.53 -35.44 -1.72
C ARG A 61 -9.47 -34.15 -0.93
N VAL A 62 -9.15 -33.02 -1.58
CA VAL A 62 -8.86 -31.77 -0.88
C VAL A 62 -9.93 -30.75 -1.25
N THR A 63 -10.66 -30.27 -0.26
CA THR A 63 -11.64 -29.22 -0.48
C THR A 63 -10.95 -27.85 -0.44
N PRO A 64 -11.06 -27.05 -1.50
CA PRO A 64 -10.39 -25.74 -1.51
C PRO A 64 -11.19 -24.70 -0.74
N PHE A 65 -10.49 -23.98 0.15
CA PHE A 65 -11.03 -22.82 0.86
C PHE A 65 -10.31 -21.58 0.34
N TYR A 66 -10.98 -20.79 -0.49
CA TYR A 66 -10.34 -19.65 -1.13
C TYR A 66 -9.88 -18.62 -0.11
N ALA A 67 -8.61 -18.22 -0.20
CA ALA A 67 -8.04 -17.20 0.66
C ALA A 67 -8.48 -15.83 0.17
N VAL A 68 -9.55 -15.30 0.79
CA VAL A 68 -10.16 -14.05 0.35
C VAL A 68 -9.14 -12.93 0.29
N LYS A 69 -8.17 -12.93 1.20
CA LYS A 69 -7.18 -11.86 1.27
C LYS A 69 -6.42 -11.69 -0.05
N CYS A 70 -6.32 -12.76 -0.84
CA CYS A 70 -5.56 -12.68 -2.09
C CYS A 70 -6.22 -11.73 -3.08
N ASN A 71 -7.55 -11.78 -3.20
CA ASN A 71 -8.30 -10.83 -4.02
C ASN A 71 -9.73 -10.84 -3.51
N ASP A 72 -10.13 -9.75 -2.84
CA ASP A 72 -11.40 -9.70 -2.13
C ASP A 72 -12.55 -9.15 -2.98
N SER A 73 -12.39 -9.11 -4.30
CA SER A 73 -13.45 -8.61 -5.17
C SER A 73 -14.73 -9.44 -4.99
N LYS A 74 -15.85 -8.74 -4.80
CA LYS A 74 -17.12 -9.41 -4.58
C LYS A 74 -17.49 -10.34 -5.74
N ALA A 75 -17.14 -9.98 -6.97
CA ALA A 75 -17.42 -10.87 -8.09
C ALA A 75 -16.73 -12.22 -7.94
N ILE A 76 -15.45 -12.21 -7.52
CA ILE A 76 -14.70 -13.45 -7.34
C ILE A 76 -15.33 -14.29 -6.24
N VAL A 77 -15.65 -13.65 -5.11
CA VAL A 77 -16.20 -14.40 -3.98
C VAL A 77 -17.56 -14.97 -4.34
N LYS A 78 -18.35 -14.22 -5.11
CA LYS A 78 -19.66 -14.72 -5.55
C LYS A 78 -19.52 -15.93 -6.47
N THR A 79 -18.60 -15.86 -7.43
CA THR A 79 -18.40 -16.99 -8.34
C THR A 79 -17.94 -18.23 -7.58
N LEU A 80 -16.96 -18.06 -6.70
CA LEU A 80 -16.47 -19.19 -5.92
C LEU A 80 -17.51 -19.72 -4.95
N ALA A 81 -18.33 -18.84 -4.38
CA ALA A 81 -19.41 -19.29 -3.50
C ALA A 81 -20.42 -20.13 -4.27
N ALA A 82 -20.78 -19.71 -5.48
CA ALA A 82 -21.63 -20.54 -6.32
C ALA A 82 -20.96 -21.88 -6.60
N THR A 83 -19.64 -21.88 -6.69
CA THR A 83 -18.90 -23.12 -6.89
C THR A 83 -19.00 -24.08 -5.69
N ARG A 84 -19.39 -23.58 -4.52
CA ARG A 84 -19.53 -24.31 -3.26
C ARG A 84 -18.20 -24.63 -2.57
N THR A 85 -17.13 -23.91 -2.91
CA THR A 85 -15.91 -24.04 -2.13
C THR A 85 -16.08 -23.37 -0.77
N GLY A 86 -15.13 -23.64 0.13
CA GLY A 86 -15.05 -22.93 1.39
C GLY A 86 -14.31 -21.62 1.22
N PHE A 87 -14.28 -20.84 2.31
CA PHE A 87 -13.55 -19.58 2.32
C PHE A 87 -12.68 -19.47 3.55
N ASP A 88 -11.43 -19.08 3.35
CA ASP A 88 -10.48 -18.79 4.42
C ASP A 88 -10.50 -17.29 4.66
N CYS A 89 -10.86 -16.89 5.87
CA CYS A 89 -11.03 -15.49 6.22
C CYS A 89 -10.05 -15.11 7.33
N ALA A 90 -9.41 -13.94 7.17
CA ALA A 90 -8.40 -13.48 8.12
C ALA A 90 -8.91 -12.40 9.08
N SER A 91 -10.10 -11.85 8.86
CA SER A 91 -10.53 -10.72 9.66
C SER A 91 -12.06 -10.64 9.66
N LYS A 92 -12.56 -9.72 10.50
CA LYS A 92 -14.00 -9.51 10.60
C LYS A 92 -14.59 -9.02 9.28
N THR A 93 -13.88 -8.12 8.59
CA THR A 93 -14.40 -7.58 7.33
C THR A 93 -14.54 -8.68 6.27
N GLU A 94 -13.56 -9.59 6.20
CA GLU A 94 -13.65 -10.69 5.24
C GLU A 94 -14.82 -11.63 5.55
N ILE A 95 -15.03 -11.93 6.84
CA ILE A 95 -16.17 -12.75 7.24
C ILE A 95 -17.47 -12.05 6.86
N GLN A 96 -17.56 -10.75 7.12
CA GLN A 96 -18.76 -9.99 6.73
C GLN A 96 -18.99 -10.07 5.24
N LEU A 97 -17.91 -9.93 4.46
CA LEU A 97 -18.02 -9.97 3.01
C LEU A 97 -18.53 -11.32 2.54
N VAL A 98 -17.97 -12.40 3.08
CA VAL A 98 -18.36 -13.75 2.65
C VAL A 98 -19.80 -14.05 3.05
N GLN A 99 -20.17 -13.71 4.29
CA GLN A 99 -21.54 -13.97 4.75
C GLN A 99 -22.56 -13.12 4.00
N SER A 100 -22.20 -11.89 3.62
CA SER A 100 -23.13 -11.04 2.89
C SER A 100 -23.54 -11.66 1.56
N LEU A 101 -22.64 -12.38 0.92
CA LEU A 101 -22.96 -13.09 -0.32
C LEU A 101 -23.75 -14.37 -0.09
N GLY A 102 -23.96 -14.79 1.15
CA GLY A 102 -24.82 -15.93 1.45
C GLY A 102 -24.13 -17.21 1.86
N VAL A 103 -22.85 -17.17 2.19
CA VAL A 103 -22.12 -18.40 2.54
C VAL A 103 -22.39 -18.75 4.00
N PRO A 104 -22.82 -19.96 4.30
CA PRO A 104 -23.04 -20.37 5.69
C PRO A 104 -21.74 -20.47 6.45
N PRO A 105 -21.79 -20.41 7.79
CA PRO A 105 -20.54 -20.39 8.57
C PRO A 105 -19.71 -21.66 8.47
N GLU A 106 -20.32 -22.82 8.20
CA GLU A 106 -19.52 -24.05 8.14
C GLU A 106 -18.66 -24.12 6.89
N ARG A 107 -18.79 -23.17 5.97
CA ARG A 107 -17.90 -23.05 4.82
C ARG A 107 -16.86 -21.96 5.02
N ILE A 108 -16.62 -21.55 6.27
CA ILE A 108 -15.65 -20.51 6.60
C ILE A 108 -14.67 -21.09 7.61
N ILE A 109 -13.38 -20.91 7.36
CA ILE A 109 -12.36 -21.12 8.38
C ILE A 109 -11.70 -19.77 8.69
N TYR A 110 -11.61 -19.46 9.98
CA TYR A 110 -10.98 -18.22 10.45
C TYR A 110 -9.50 -18.52 10.66
N ALA A 111 -8.76 -18.50 9.55
CA ALA A 111 -7.38 -18.99 9.54
C ALA A 111 -6.37 -17.86 9.75
N ASN A 112 -6.55 -17.11 10.83
CA ASN A 112 -5.55 -16.17 11.31
C ASN A 112 -5.07 -16.65 12.67
N PRO A 113 -3.79 -17.00 12.83
CA PRO A 113 -3.35 -17.57 14.11
C PRO A 113 -3.31 -16.56 15.24
N CYS A 114 -3.30 -15.26 14.95
CA CYS A 114 -3.11 -14.21 15.96
C CYS A 114 -4.20 -13.16 15.79
N LYS A 115 -5.34 -13.39 16.43
CA LYS A 115 -6.55 -12.62 16.20
C LYS A 115 -6.84 -11.67 17.37
N GLN A 116 -7.28 -10.46 17.04
CA GLN A 116 -7.76 -9.54 18.05
C GLN A 116 -8.99 -10.11 18.76
N VAL A 117 -9.06 -9.91 20.08
CA VAL A 117 -10.13 -10.49 20.89
C VAL A 117 -11.50 -10.13 20.34
N SER A 118 -11.72 -8.86 20.01
CA SER A 118 -13.03 -8.43 19.54
C SER A 118 -13.41 -9.13 18.23
N GLN A 119 -12.43 -9.45 17.39
CA GLN A 119 -12.74 -10.18 16.16
C GLN A 119 -13.02 -11.65 16.43
N ILE A 120 -12.40 -12.23 17.45
CA ILE A 120 -12.79 -13.56 17.90
C ILE A 120 -14.23 -13.55 18.39
N LYS A 121 -14.62 -12.50 19.13
CA LYS A 121 -15.99 -12.38 19.59
C LYS A 121 -16.95 -12.23 18.42
N TYR A 122 -16.55 -11.46 17.39
CA TYR A 122 -17.39 -11.36 16.21
C TYR A 122 -17.57 -12.72 15.54
N ALA A 123 -16.50 -13.50 15.44
CA ALA A 123 -16.60 -14.83 14.84
C ALA A 123 -17.54 -15.72 15.65
N ALA A 124 -17.45 -15.64 16.98
CA ALA A 124 -18.35 -16.42 17.83
C ALA A 124 -19.79 -15.98 17.65
N ASN A 125 -20.03 -14.67 17.56
CA ASN A 125 -21.38 -14.14 17.41
C ASN A 125 -22.04 -14.62 16.12
N ASN A 126 -21.28 -14.75 15.05
CA ASN A 126 -21.83 -15.06 13.73
C ASN A 126 -21.70 -16.54 13.36
N GLY A 127 -21.34 -17.39 14.31
CA GLY A 127 -21.37 -18.83 14.09
C GLY A 127 -20.16 -19.44 13.43
N VAL A 128 -19.08 -18.69 13.24
CA VAL A 128 -17.85 -19.23 12.67
C VAL A 128 -17.11 -19.98 13.78
N GLN A 129 -17.14 -21.31 13.72
CA GLN A 129 -16.63 -22.13 14.81
C GLN A 129 -15.15 -22.49 14.66
N MET A 130 -14.67 -22.65 13.43
CA MET A 130 -13.33 -23.18 13.21
C MET A 130 -12.32 -22.05 13.08
N MET A 131 -11.30 -22.07 13.93
CA MET A 131 -10.24 -21.06 13.92
C MET A 131 -8.89 -21.72 14.11
N THR A 132 -7.84 -21.09 13.58
CA THR A 132 -6.49 -21.59 13.79
C THR A 132 -5.83 -20.91 14.99
N PHE A 133 -4.76 -21.52 15.47
CA PHE A 133 -3.96 -20.95 16.56
C PHE A 133 -2.58 -21.60 16.57
N ASP A 134 -1.62 -20.86 17.16
CA ASP A 134 -0.29 -21.44 17.35
C ASP A 134 0.38 -20.99 18.66
N SER A 135 -0.37 -20.47 19.63
CA SER A 135 0.26 -19.96 20.85
C SER A 135 -0.65 -20.15 22.06
N GLU A 136 -0.03 -20.14 23.24
CA GLU A 136 -0.75 -20.30 24.49
C GLU A 136 -1.66 -19.10 24.79
N VAL A 137 -1.16 -17.89 24.54
CA VAL A 137 -1.97 -16.69 24.76
C VAL A 137 -3.22 -16.72 23.88
N GLU A 138 -3.09 -17.28 22.66
CA GLU A 138 -4.26 -17.46 21.81
C GLU A 138 -5.27 -18.40 22.45
N LEU A 139 -4.79 -19.45 23.13
CA LEU A 139 -5.69 -20.32 23.87
C LEU A 139 -6.40 -19.57 24.98
N MET A 140 -5.69 -18.68 25.68
CA MET A 140 -6.33 -17.88 26.73
C MET A 140 -7.43 -17.00 26.15
N LYS A 141 -7.15 -16.37 25.00
CA LYS A 141 -8.14 -15.48 24.38
C LYS A 141 -9.35 -16.26 23.89
N VAL A 142 -9.12 -17.44 23.29
CA VAL A 142 -10.23 -18.24 22.79
C VAL A 142 -11.08 -18.75 23.94
N ALA A 143 -10.44 -19.21 25.03
CA ALA A 143 -11.19 -19.64 26.20
C ALA A 143 -12.05 -18.51 26.76
N ARG A 144 -11.56 -17.27 26.65
CA ARG A 144 -12.36 -16.16 27.19
C ARG A 144 -13.49 -15.75 26.24
N ALA A 145 -13.23 -15.69 24.92
CA ALA A 145 -14.16 -15.07 23.98
C ALA A 145 -14.88 -16.03 23.05
N HIS A 146 -14.41 -17.25 22.90
CA HIS A 146 -15.03 -18.20 21.98
C HIS A 146 -14.83 -19.62 22.49
N PRO A 147 -15.36 -19.96 23.67
CA PRO A 147 -14.97 -21.22 24.31
C PRO A 147 -15.40 -22.47 23.56
N LYS A 148 -16.40 -22.38 22.68
CA LYS A 148 -16.91 -23.53 21.95
C LYS A 148 -16.30 -23.66 20.56
N ALA A 149 -15.21 -22.95 20.27
CA ALA A 149 -14.60 -23.00 18.95
C ALA A 149 -13.92 -24.34 18.71
N LYS A 150 -13.82 -24.69 17.43
CA LYS A 150 -13.01 -25.83 16.98
C LYS A 150 -11.68 -25.28 16.51
N LEU A 151 -10.61 -25.62 17.22
CA LEU A 151 -9.31 -25.04 16.95
C LEU A 151 -8.46 -25.96 16.10
N VAL A 152 -7.72 -25.36 15.17
CA VAL A 152 -6.78 -26.03 14.29
C VAL A 152 -5.40 -25.50 14.61
N LEU A 153 -4.48 -26.39 14.93
CA LEU A 153 -3.14 -26.00 15.33
C LEU A 153 -2.27 -25.80 14.09
N ARG A 154 -1.73 -24.59 13.93
CA ARG A 154 -0.84 -24.31 12.81
C ARG A 154 0.60 -24.59 13.22
N ILE A 155 1.28 -25.42 12.44
CA ILE A 155 2.62 -25.87 12.75
C ILE A 155 3.62 -25.19 11.81
N ALA A 156 4.86 -25.09 12.27
CA ALA A 156 5.93 -24.52 11.47
C ALA A 156 6.34 -25.47 10.35
N THR A 157 6.73 -24.90 9.21
CA THR A 157 7.23 -25.66 8.07
C THR A 157 8.57 -25.11 7.62
N ASP A 158 9.37 -25.97 6.98
CA ASP A 158 10.64 -25.54 6.40
C ASP A 158 10.33 -24.96 5.02
N ASP A 159 10.25 -23.63 4.95
CA ASP A 159 9.94 -22.96 3.69
C ASP A 159 11.08 -22.06 3.22
N SER A 160 12.32 -22.31 3.66
CA SER A 160 13.42 -21.42 3.34
C SER A 160 13.56 -21.25 1.84
N LYS A 161 13.24 -22.29 1.08
CA LYS A 161 13.33 -22.25 -0.37
C LYS A 161 12.17 -21.49 -1.03
N ALA A 162 11.08 -21.25 -0.29
CA ALA A 162 9.91 -20.57 -0.82
C ALA A 162 10.16 -19.08 -1.07
N VAL A 163 9.42 -18.54 -2.04
CA VAL A 163 9.53 -17.12 -2.38
C VAL A 163 9.02 -16.24 -1.24
N CYS A 164 7.87 -16.59 -0.66
CA CYS A 164 7.27 -15.86 0.44
C CYS A 164 7.19 -16.78 1.65
N ARG A 165 7.82 -16.38 2.76
CA ARG A 165 7.90 -17.21 3.95
C ARG A 165 7.10 -16.61 5.11
N LEU A 166 6.24 -17.43 5.71
CA LEU A 166 5.47 -17.06 6.88
C LEU A 166 5.95 -17.81 8.13
N SER A 167 7.03 -18.58 8.00
CA SER A 167 7.54 -19.40 9.10
C SER A 167 7.96 -18.55 10.30
N VAL A 168 8.71 -17.47 10.07
CA VAL A 168 9.19 -16.68 11.21
C VAL A 168 8.00 -16.11 11.99
N LYS A 169 7.01 -15.57 11.27
CA LYS A 169 5.85 -14.96 11.92
C LYS A 169 4.93 -16.00 12.59
N PHE A 170 4.67 -17.13 11.93
CA PHE A 170 3.68 -18.09 12.43
C PHE A 170 4.22 -19.52 12.39
N GLY A 171 3.52 -20.39 13.12
CA GLY A 171 3.82 -21.81 13.14
C GLY A 171 4.46 -22.32 14.41
N ALA A 172 3.81 -23.28 15.07
CA ALA A 172 4.37 -23.93 16.25
C ALA A 172 5.27 -25.08 15.85
N THR A 173 6.37 -25.25 16.58
CA THR A 173 7.19 -26.44 16.45
C THR A 173 6.47 -27.65 17.04
N LEU A 174 6.99 -28.84 16.75
CA LEU A 174 6.42 -30.06 17.31
C LEU A 174 6.51 -30.04 18.84
N ARG A 175 7.67 -29.61 19.35
CA ARG A 175 7.89 -29.50 20.79
C ARG A 175 6.85 -28.57 21.41
N THR A 176 6.68 -27.38 20.83
CA THR A 176 5.66 -26.45 21.32
C THR A 176 4.26 -27.01 21.09
N SER A 177 4.06 -27.77 20.01
CA SER A 177 2.75 -28.33 19.71
C SER A 177 2.26 -29.25 20.82
N ARG A 178 3.17 -30.05 21.38
CA ARG A 178 2.76 -30.94 22.48
C ARG A 178 2.24 -30.14 23.66
N LEU A 179 2.95 -29.08 24.03
CA LEU A 179 2.55 -28.24 25.15
C LEU A 179 1.22 -27.53 24.84
N LEU A 180 1.06 -27.07 23.61
CA LEU A 180 -0.19 -26.41 23.23
C LEU A 180 -1.38 -27.36 23.32
N LEU A 181 -1.20 -28.61 22.88
CA LEU A 181 -2.30 -29.58 22.98
C LEU A 181 -2.65 -29.86 24.43
N GLU A 182 -1.64 -30.05 25.28
CA GLU A 182 -1.92 -30.31 26.69
C GLU A 182 -2.60 -29.10 27.34
N ARG A 183 -2.15 -27.89 27.02
CA ARG A 183 -2.75 -26.68 27.55
C ARG A 183 -4.21 -26.55 27.11
N ALA A 184 -4.50 -26.86 25.84
CA ALA A 184 -5.87 -26.82 25.36
C ALA A 184 -6.72 -27.85 26.09
N LYS A 185 -6.13 -29.00 26.42
CA LYS A 185 -6.88 -29.98 27.21
C LYS A 185 -7.21 -29.43 28.59
N GLU A 186 -6.26 -28.73 29.23
CA GLU A 186 -6.53 -28.15 30.54
C GLU A 186 -7.70 -27.18 30.49
N LEU A 187 -7.77 -26.37 29.44
CA LEU A 187 -8.76 -25.30 29.32
C LEU A 187 -10.08 -25.79 28.73
N ASN A 188 -10.21 -27.10 28.48
CA ASN A 188 -11.41 -27.68 27.90
C ASN A 188 -11.74 -27.07 26.55
N ILE A 189 -10.70 -26.84 25.74
CA ILE A 189 -10.85 -26.29 24.39
C ILE A 189 -10.61 -27.43 23.40
N ASP A 190 -11.51 -27.57 22.43
CA ASP A 190 -11.46 -28.67 21.48
C ASP A 190 -10.50 -28.35 20.34
N VAL A 191 -9.51 -29.22 20.14
CA VAL A 191 -8.58 -29.15 19.02
C VAL A 191 -8.94 -30.26 18.05
N VAL A 192 -9.29 -29.90 16.82
CA VAL A 192 -9.81 -30.86 15.84
C VAL A 192 -8.86 -31.14 14.68
N GLY A 193 -7.75 -30.44 14.55
CA GLY A 193 -6.89 -30.68 13.41
C GLY A 193 -5.62 -29.88 13.44
N VAL A 194 -4.96 -29.87 12.27
CA VAL A 194 -3.65 -29.26 12.08
C VAL A 194 -3.66 -28.52 10.74
N SER A 195 -2.98 -27.37 10.70
CA SER A 195 -2.77 -26.65 9.45
C SER A 195 -1.29 -26.30 9.29
N PHE A 196 -0.88 -26.09 8.04
CA PHE A 196 0.49 -25.69 7.73
C PHE A 196 0.51 -24.94 6.41
N HIS A 197 1.49 -24.06 6.25
CA HIS A 197 1.70 -23.34 4.99
C HIS A 197 3.15 -23.48 4.56
N VAL A 198 3.37 -24.08 3.38
CA VAL A 198 4.73 -24.29 2.87
C VAL A 198 5.31 -23.05 2.24
N GLY A 199 4.57 -21.97 2.17
CA GLY A 199 5.02 -20.74 1.55
C GLY A 199 4.34 -20.50 0.22
N SER A 200 4.18 -19.22 -0.12
CA SER A 200 3.49 -18.85 -1.36
C SER A 200 4.22 -19.37 -2.59
N GLY A 201 5.56 -19.37 -2.56
CA GLY A 201 6.34 -19.80 -3.71
C GLY A 201 7.43 -20.82 -3.44
N CYS A 202 7.09 -22.01 -2.93
CA CYS A 202 8.11 -23.01 -2.68
C CYS A 202 8.66 -23.53 -4.01
N THR A 203 9.99 -23.75 -4.05
CA THR A 203 10.64 -24.27 -5.24
C THR A 203 10.66 -25.79 -5.26
N ASP A 204 10.78 -26.43 -4.09
CA ASP A 204 10.83 -27.88 -4.02
C ASP A 204 9.52 -28.42 -3.47
N PRO A 205 8.84 -29.31 -4.22
CA PRO A 205 7.59 -29.90 -3.71
C PRO A 205 7.79 -30.77 -2.48
N GLU A 206 8.92 -31.46 -2.38
CA GLU A 206 9.22 -32.34 -1.25
C GLU A 206 8.89 -31.72 0.11
N THR A 207 9.00 -30.39 0.25
CA THR A 207 8.66 -29.76 1.51
C THR A 207 7.27 -30.19 1.98
N PHE A 208 6.30 -30.24 1.06
CA PHE A 208 4.95 -30.68 1.42
C PHE A 208 4.98 -32.02 2.13
N VAL A 209 5.78 -32.96 1.61
CA VAL A 209 5.85 -34.28 2.23
C VAL A 209 6.27 -34.15 3.69
N GLN A 210 7.34 -33.40 3.94
CA GLN A 210 7.79 -33.23 5.32
C GLN A 210 6.69 -32.57 6.12
N ALA A 211 6.04 -31.56 5.56
CA ALA A 211 4.97 -30.89 6.28
C ALA A 211 3.87 -31.88 6.61
N ILE A 212 3.49 -32.71 5.63
CA ILE A 212 2.42 -33.68 5.89
C ILE A 212 2.87 -34.64 6.98
N SER A 213 4.14 -35.07 6.93
CA SER A 213 4.63 -35.96 7.97
C SER A 213 4.54 -35.28 9.33
N ASP A 214 4.92 -34.00 9.39
CA ASP A 214 4.82 -33.29 10.66
C ASP A 214 3.39 -33.27 11.15
N ALA A 215 2.44 -33.05 10.23
CA ALA A 215 1.04 -33.00 10.64
C ALA A 215 0.64 -34.33 11.24
N ARG A 216 1.08 -35.43 10.62
CA ARG A 216 0.72 -36.75 11.14
C ARG A 216 1.19 -36.88 12.58
N CYS A 217 2.41 -36.43 12.86
CA CYS A 217 2.94 -36.53 14.22
C CYS A 217 2.03 -35.78 15.19
N VAL A 218 1.64 -34.55 14.83
CA VAL A 218 0.82 -33.79 15.75
C VAL A 218 -0.54 -34.46 15.92
N PHE A 219 -1.06 -35.07 14.84
CA PHE A 219 -2.31 -35.81 14.97
C PHE A 219 -2.16 -36.89 16.03
N ASP A 220 -1.06 -37.64 15.95
CA ASP A 220 -0.82 -38.67 16.94
C ASP A 220 -0.68 -38.06 18.33
N MET A 221 -0.02 -36.90 18.41
CA MET A 221 0.08 -36.22 19.70
C MET A 221 -1.30 -35.95 20.26
N GLY A 222 -2.23 -35.48 19.42
CA GLY A 222 -3.56 -35.22 19.90
C GLY A 222 -4.23 -36.49 20.37
N ALA A 223 -4.03 -37.59 19.63
CA ALA A 223 -4.61 -38.87 20.04
C ALA A 223 -4.13 -39.26 21.44
N GLU A 224 -2.89 -38.91 21.78
CA GLU A 224 -2.39 -39.26 23.10
C GLU A 224 -3.14 -38.50 24.20
N VAL A 225 -3.49 -37.23 23.97
CA VAL A 225 -4.12 -36.43 25.02
C VAL A 225 -5.64 -36.52 24.99
N GLY A 226 -6.22 -37.30 24.09
CA GLY A 226 -7.65 -37.49 24.07
C GLY A 226 -8.42 -36.70 23.03
N PHE A 227 -7.75 -35.97 22.15
CA PHE A 227 -8.45 -35.24 21.10
C PHE A 227 -8.79 -36.18 19.94
N SER A 228 -9.91 -35.88 19.28
CA SER A 228 -10.28 -36.57 18.05
C SER A 228 -9.93 -35.64 16.90
N MET A 229 -8.79 -35.89 16.27
CA MET A 229 -8.27 -35.04 15.21
C MET A 229 -8.79 -35.54 13.87
N TYR A 230 -9.52 -34.68 13.16
CA TYR A 230 -10.05 -35.07 11.86
C TYR A 230 -9.71 -34.09 10.73
N LEU A 231 -9.28 -32.87 11.01
CA LEU A 231 -9.12 -31.88 9.96
C LEU A 231 -7.65 -31.62 9.67
N LEU A 232 -7.28 -31.76 8.40
CA LEU A 232 -5.93 -31.49 7.90
C LEU A 232 -6.02 -30.37 6.88
N ASP A 233 -5.30 -29.27 7.14
CA ASP A 233 -5.30 -28.10 6.28
C ASP A 233 -3.89 -27.93 5.72
N ILE A 234 -3.73 -28.10 4.41
CA ILE A 234 -2.42 -28.08 3.76
C ILE A 234 -2.07 -26.71 3.22
N GLY A 235 -2.86 -25.69 3.53
CA GLY A 235 -2.57 -24.30 3.21
C GLY A 235 -2.57 -23.97 1.73
N GLY A 236 -1.72 -23.02 1.35
CA GLY A 236 -1.64 -22.56 -0.02
C GLY A 236 -0.27 -22.71 -0.66
N GLY A 237 0.10 -21.74 -1.52
CA GLY A 237 1.38 -21.76 -2.18
C GLY A 237 1.37 -22.33 -3.59
N PHE A 238 0.24 -22.82 -4.07
CA PHE A 238 0.17 -23.37 -5.40
C PHE A 238 0.27 -22.25 -6.44
N PRO A 239 0.98 -22.47 -7.54
CA PRO A 239 1.12 -21.42 -8.56
C PRO A 239 -0.20 -21.12 -9.24
N GLY A 240 -0.35 -19.87 -9.65
CA GLY A 240 -1.60 -19.42 -10.24
C GLY A 240 -1.52 -19.16 -11.73
N SER A 241 -0.36 -19.43 -12.32
CA SER A 241 -0.18 -19.27 -13.76
C SER A 241 0.83 -20.30 -14.25
N GLU A 242 0.87 -20.49 -15.56
CA GLU A 242 1.80 -21.41 -16.19
C GLU A 242 3.21 -20.84 -16.30
N ASP A 243 3.39 -19.56 -15.96
CA ASP A 243 4.68 -18.88 -16.06
C ASP A 243 5.50 -19.09 -14.79
N VAL A 244 5.70 -20.36 -14.43
CA VAL A 244 6.47 -20.73 -13.24
C VAL A 244 7.27 -21.98 -13.54
N LYS A 245 8.39 -22.13 -12.83
CA LYS A 245 9.23 -23.32 -12.98
C LYS A 245 8.53 -24.57 -12.45
N LEU A 246 7.89 -24.46 -11.29
CA LEU A 246 7.23 -25.59 -10.64
C LEU A 246 5.72 -25.48 -10.87
N LYS A 247 5.19 -26.35 -11.71
CA LYS A 247 3.80 -26.29 -12.09
C LYS A 247 2.92 -27.05 -11.09
N PHE A 248 1.64 -26.66 -11.09
CA PHE A 248 0.64 -27.19 -10.16
C PHE A 248 0.62 -28.72 -10.14
N GLU A 249 0.60 -29.33 -11.33
CA GLU A 249 0.45 -30.78 -11.41
C GLU A 249 1.63 -31.53 -10.81
N GLU A 250 2.85 -30.99 -10.91
CA GLU A 250 3.99 -31.61 -10.24
C GLU A 250 3.78 -31.64 -8.72
N ILE A 251 3.33 -30.51 -8.17
CA ILE A 251 3.11 -30.41 -6.73
C ILE A 251 2.03 -31.39 -6.30
N THR A 252 0.93 -31.45 -7.06
CA THR A 252 -0.14 -32.39 -6.69
C THR A 252 0.32 -33.84 -6.85
N GLY A 253 1.18 -34.10 -7.84
CA GLY A 253 1.75 -35.42 -8.02
C GLY A 253 2.49 -35.87 -6.79
N VAL A 254 3.26 -34.96 -6.18
CA VAL A 254 3.94 -35.27 -4.93
C VAL A 254 2.97 -35.37 -3.76
N ILE A 255 2.00 -34.45 -3.68
CA ILE A 255 1.11 -34.36 -2.52
C ILE A 255 0.20 -35.58 -2.36
N ASN A 256 -0.41 -36.06 -3.45
CA ASN A 256 -1.41 -37.13 -3.30
C ASN A 256 -0.85 -38.41 -2.70
N PRO A 257 0.31 -38.95 -3.11
CA PRO A 257 0.82 -40.15 -2.45
C PRO A 257 1.12 -39.91 -0.98
N ALA A 258 1.66 -38.73 -0.65
CA ALA A 258 1.91 -38.39 0.75
C ALA A 258 0.62 -38.44 1.55
N LEU A 259 -0.44 -37.82 1.03
CA LEU A 259 -1.74 -37.86 1.70
C LEU A 259 -2.22 -39.30 1.89
N ASP A 260 -2.10 -40.13 0.85
CA ASP A 260 -2.53 -41.51 0.97
C ASP A 260 -1.72 -42.27 2.01
N LYS A 261 -0.41 -41.98 2.09
CA LYS A 261 0.46 -42.69 3.02
C LYS A 261 0.22 -42.28 4.46
N TYR A 262 0.13 -40.97 4.72
CA TYR A 262 0.02 -40.49 6.10
C TYR A 262 -1.41 -40.32 6.58
N PHE A 263 -2.35 -40.02 5.68
CA PHE A 263 -3.75 -39.79 6.05
C PHE A 263 -4.66 -40.56 5.11
N PRO A 264 -4.75 -41.88 5.25
CA PRO A 264 -5.65 -42.67 4.39
C PRO A 264 -7.10 -42.27 4.63
N SER A 265 -7.92 -42.43 3.60
CA SER A 265 -9.31 -42.01 3.67
C SER A 265 -10.09 -42.77 4.72
N ASP A 266 -9.74 -44.05 4.96
CA ASP A 266 -10.47 -44.85 5.94
C ASP A 266 -10.33 -44.29 7.36
N SER A 267 -9.27 -43.53 7.64
CA SER A 267 -9.12 -42.93 8.96
C SER A 267 -10.22 -41.93 9.28
N GLY A 268 -10.90 -41.39 8.26
CA GLY A 268 -11.95 -40.41 8.48
C GLY A 268 -11.50 -38.97 8.42
N VAL A 269 -10.24 -38.72 8.06
CA VAL A 269 -9.72 -37.35 8.01
C VAL A 269 -10.44 -36.55 6.93
N ARG A 270 -10.60 -35.25 7.19
CA ARG A 270 -11.12 -34.30 6.21
C ARG A 270 -9.98 -33.37 5.82
N ILE A 271 -9.64 -33.35 4.54
CA ILE A 271 -8.50 -32.60 4.04
C ILE A 271 -9.01 -31.38 3.28
N ILE A 272 -8.48 -30.21 3.64
CA ILE A 272 -8.82 -28.93 3.01
C ILE A 272 -7.51 -28.21 2.68
N ALA A 273 -7.62 -27.20 1.82
CA ALA A 273 -6.50 -26.34 1.50
C ALA A 273 -6.97 -24.89 1.51
N GLU A 274 -6.01 -23.97 1.49
CA GLU A 274 -6.28 -22.53 1.48
C GLU A 274 -5.60 -21.86 0.29
N PRO A 275 -5.94 -22.25 -0.94
CA PRO A 275 -5.29 -21.61 -2.10
C PRO A 275 -5.89 -20.23 -2.36
N GLY A 276 -5.02 -19.23 -2.50
CA GLY A 276 -5.49 -17.95 -2.99
C GLY A 276 -5.00 -17.60 -4.37
N ARG A 277 -3.67 -17.67 -4.55
CA ARG A 277 -3.05 -17.27 -5.80
C ARG A 277 -3.47 -18.15 -6.96
N TYR A 278 -3.64 -19.44 -6.69
CA TYR A 278 -3.95 -20.42 -7.73
C TYR A 278 -5.24 -20.07 -8.46
N TYR A 279 -6.24 -19.58 -7.74
CA TYR A 279 -7.55 -19.34 -8.35
C TYR A 279 -7.59 -18.08 -9.20
N VAL A 280 -6.83 -17.04 -8.85
CA VAL A 280 -7.08 -15.71 -9.38
C VAL A 280 -5.90 -15.13 -10.15
N ALA A 281 -4.69 -15.67 -10.03
CA ALA A 281 -3.52 -15.02 -10.60
C ALA A 281 -3.70 -14.69 -12.07
N SER A 282 -3.97 -15.70 -12.90
CA SER A 282 -4.05 -15.51 -14.34
C SER A 282 -5.37 -14.92 -14.82
N ALA A 283 -6.37 -14.81 -13.94
CA ALA A 283 -7.69 -14.33 -14.36
C ALA A 283 -7.68 -12.85 -14.71
N PHE A 284 -6.75 -12.08 -14.14
CA PHE A 284 -6.72 -10.63 -14.30
C PHE A 284 -5.59 -10.22 -15.22
N THR A 285 -5.91 -9.43 -16.24
CA THR A 285 -4.91 -8.77 -17.07
C THR A 285 -5.07 -7.26 -16.93
N LEU A 286 -3.97 -6.56 -16.68
CA LEU A 286 -3.97 -5.13 -16.43
C LEU A 286 -3.46 -4.38 -17.66
N ALA A 287 -4.20 -3.35 -18.07
CA ALA A 287 -3.81 -2.47 -19.16
C ALA A 287 -3.53 -1.09 -18.59
N VAL A 288 -2.32 -0.59 -18.82
CA VAL A 288 -1.93 0.75 -18.41
C VAL A 288 -1.61 1.57 -19.65
N ASN A 289 -1.77 2.87 -19.55
CA ASN A 289 -1.48 3.79 -20.64
C ASN A 289 -0.16 4.49 -20.39
N ILE A 290 0.63 4.66 -21.44
CA ILE A 290 1.86 5.44 -21.36
C ILE A 290 1.44 6.92 -21.32
N ILE A 291 1.56 7.54 -20.15
CA ILE A 291 1.11 8.91 -19.99
C ILE A 291 2.25 9.91 -20.12
N ALA A 292 3.50 9.47 -20.04
CA ALA A 292 4.61 10.39 -20.23
C ALA A 292 5.82 9.63 -20.77
N LYS A 293 6.77 10.40 -21.31
CA LYS A 293 7.89 9.81 -22.02
C LYS A 293 9.09 10.73 -21.95
N LYS A 294 10.27 10.13 -21.73
CA LYS A 294 11.55 10.83 -21.77
C LYS A 294 12.53 10.02 -22.59
N ILE A 295 13.38 10.71 -23.34
CA ILE A 295 14.43 10.10 -24.14
C ILE A 295 15.77 10.53 -23.57
N VAL A 296 16.62 9.56 -23.26
CA VAL A 296 17.91 9.80 -22.63
C VAL A 296 18.99 9.31 -23.59
N LEU A 297 19.87 10.22 -24.00
CA LEU A 297 20.95 9.89 -24.91
C LEU A 297 22.06 9.15 -24.20
N GLU A 311 22.83 3.47 -26.83
CA GLU A 311 22.95 4.88 -27.10
C GLU A 311 21.67 5.63 -26.70
N GLN A 312 20.59 5.33 -27.40
CA GLN A 312 19.28 5.90 -27.12
C GLN A 312 18.52 5.00 -26.14
N THR A 313 18.10 5.57 -25.01
CA THR A 313 17.31 4.85 -24.02
C THR A 313 16.05 5.63 -23.70
N PHE A 314 15.07 4.93 -23.14
CA PHE A 314 13.74 5.52 -22.94
C PHE A 314 13.25 5.32 -21.51
N MET A 315 12.54 6.32 -21.00
CA MET A 315 11.81 6.23 -19.74
C MET A 315 10.33 6.47 -20.03
N TYR A 316 9.50 5.48 -19.72
CA TYR A 316 8.06 5.57 -19.93
C TYR A 316 7.36 5.69 -18.60
N TYR A 317 6.37 6.58 -18.52
CA TYR A 317 5.57 6.77 -17.32
C TYR A 317 4.14 6.34 -17.62
N VAL A 318 3.63 5.41 -16.80
CA VAL A 318 2.30 4.84 -16.97
C VAL A 318 1.46 5.22 -15.75
N ASN A 319 0.15 5.01 -15.86
CA ASN A 319 -0.81 5.50 -14.88
C ASN A 319 -1.20 4.43 -13.86
N ASP A 320 -0.27 3.55 -13.50
CA ASP A 320 -0.40 2.67 -12.34
C ASP A 320 1.00 2.42 -11.80
N GLY A 321 1.11 2.27 -10.49
CA GLY A 321 2.44 2.17 -9.90
C GLY A 321 2.57 1.33 -8.64
N VAL A 322 3.71 1.46 -7.96
CA VAL A 322 4.01 0.66 -6.79
C VAL A 322 3.04 0.96 -5.64
N TYR A 323 2.51 2.17 -5.58
CA TYR A 323 1.44 2.44 -4.62
C TYR A 323 0.11 1.82 -5.05
N GLY A 324 -0.06 1.56 -6.34
CA GLY A 324 -1.27 0.95 -6.83
C GLY A 324 -1.15 -0.55 -7.04
N SER A 325 -1.46 -1.01 -8.26
CA SER A 325 -1.48 -2.44 -8.55
C SER A 325 -0.11 -3.09 -8.40
N PHE A 326 0.96 -2.33 -8.64
CA PHE A 326 2.30 -2.91 -8.63
C PHE A 326 2.95 -2.93 -7.25
N ASN A 327 2.16 -2.72 -6.18
CA ASN A 327 2.67 -2.92 -4.84
C ASN A 327 3.17 -4.33 -4.63
N CYS A 328 2.66 -5.28 -5.43
CA CYS A 328 3.13 -6.65 -5.41
C CYS A 328 4.63 -6.77 -5.66
N ILE A 329 5.23 -5.76 -6.29
CA ILE A 329 6.68 -5.79 -6.48
C ILE A 329 7.40 -5.82 -5.14
N LEU A 330 6.91 -5.05 -4.17
CA LEU A 330 7.57 -5.01 -2.86
C LEU A 330 6.98 -6.01 -1.88
N TYR A 331 5.66 -6.02 -1.73
CA TYR A 331 5.02 -6.89 -0.75
C TYR A 331 5.07 -8.37 -1.17
N ASP A 332 4.84 -8.65 -2.46
CA ASP A 332 4.72 -10.02 -2.92
C ASP A 332 5.93 -10.52 -3.71
N HIS A 333 7.02 -9.74 -3.76
CA HIS A 333 8.23 -10.12 -4.48
C HIS A 333 7.94 -10.43 -5.94
N ALA A 334 7.03 -9.67 -6.55
CA ALA A 334 6.58 -9.97 -7.90
C ALA A 334 7.60 -9.51 -8.94
N HIS A 335 7.67 -10.26 -10.03
CA HIS A 335 8.43 -9.90 -11.21
C HIS A 335 7.43 -9.70 -12.34
N VAL A 336 7.37 -8.48 -12.87
CA VAL A 336 6.34 -8.11 -13.84
C VAL A 336 6.97 -7.98 -15.22
N LYS A 337 6.29 -8.55 -16.21
CA LYS A 337 6.77 -8.56 -17.59
C LYS A 337 5.84 -7.70 -18.45
N PRO A 338 6.31 -6.56 -18.95
CA PRO A 338 5.46 -5.74 -19.84
C PRO A 338 5.30 -6.40 -21.20
N LEU A 339 4.09 -6.33 -21.73
CA LEU A 339 3.75 -6.88 -23.03
C LEU A 339 3.11 -5.79 -23.87
N LEU A 340 3.50 -5.71 -25.14
CA LEU A 340 2.97 -4.69 -26.01
C LEU A 340 1.58 -5.07 -26.47
N GLN A 341 0.63 -4.15 -26.31
CA GLN A 341 -0.73 -4.41 -26.77
C GLN A 341 -0.78 -4.55 -28.30
N LYS A 342 -0.04 -3.70 -29.01
CA LYS A 342 0.01 -3.72 -30.46
C LYS A 342 1.20 -4.57 -30.90
N ARG A 343 0.95 -5.54 -31.77
CA ARG A 343 1.99 -6.49 -32.13
C ARG A 343 3.20 -5.78 -32.75
N PRO A 344 4.41 -6.10 -32.30
CA PRO A 344 5.60 -5.38 -32.80
C PRO A 344 6.02 -5.85 -34.18
N LYS A 345 6.59 -4.92 -34.93
CA LYS A 345 7.10 -5.23 -36.24
C LYS A 345 8.25 -6.23 -36.13
N PRO A 346 8.38 -7.14 -37.11
CA PRO A 346 9.41 -8.19 -36.98
C PRO A 346 10.83 -7.64 -36.88
N ASP A 347 11.17 -6.61 -37.65
CA ASP A 347 12.53 -6.09 -37.67
C ASP A 347 12.73 -4.80 -36.90
N GLU A 348 11.70 -4.27 -36.22
CA GLU A 348 11.84 -2.97 -35.59
C GLU A 348 12.80 -3.04 -34.39
N LYS A 349 13.56 -1.97 -34.21
CA LYS A 349 14.61 -1.91 -33.20
C LYS A 349 14.06 -1.86 -31.77
N TYR A 350 14.82 -2.46 -30.86
CA TYR A 350 14.53 -2.47 -29.43
C TYR A 350 15.54 -1.60 -28.69
N TYR A 351 15.06 -0.85 -27.69
CA TYR A 351 15.88 0.05 -26.90
C TYR A 351 15.77 -0.28 -25.42
N SER A 352 16.84 0.02 -24.68
CA SER A 352 16.82 -0.12 -23.23
C SER A 352 15.85 0.91 -22.65
N SER A 353 14.96 0.46 -21.78
CA SER A 353 13.92 1.32 -21.26
C SER A 353 13.66 1.02 -19.79
N SER A 354 13.08 2.01 -19.12
CA SER A 354 12.60 1.91 -17.75
C SER A 354 11.14 2.33 -17.73
N ILE A 355 10.37 1.72 -16.84
CA ILE A 355 8.94 1.99 -16.71
C ILE A 355 8.66 2.48 -15.29
N TRP A 356 7.93 3.59 -15.18
CA TRP A 356 7.71 4.29 -13.93
C TRP A 356 6.23 4.51 -13.68
N GLY A 357 5.89 4.63 -12.39
CA GLY A 357 4.54 4.90 -11.94
C GLY A 357 4.17 6.36 -12.01
N PRO A 358 2.89 6.64 -11.81
CA PRO A 358 2.41 8.02 -11.93
C PRO A 358 2.82 8.95 -10.80
N THR A 359 3.02 8.42 -9.59
CA THR A 359 3.20 9.28 -8.42
C THR A 359 4.52 10.06 -8.48
N CYS A 360 4.59 11.09 -7.65
CA CYS A 360 5.76 11.96 -7.52
C CYS A 360 6.87 11.35 -6.70
N ASP A 361 6.74 10.08 -6.30
CA ASP A 361 7.78 9.41 -5.53
C ASP A 361 8.85 8.85 -6.46
N GLY A 362 10.11 9.14 -6.14
CA GLY A 362 11.22 8.65 -6.94
C GLY A 362 11.41 7.13 -6.89
N LEU A 363 10.86 6.48 -5.87
CA LEU A 363 10.92 5.02 -5.79
C LEU A 363 9.82 4.34 -6.60
N ASP A 364 8.87 5.10 -7.16
CA ASP A 364 7.74 4.52 -7.90
C ASP A 364 8.22 4.10 -9.30
N ARG A 365 8.98 3.01 -9.32
CA ARG A 365 9.54 2.46 -10.54
C ARG A 365 9.06 1.02 -10.70
N ILE A 366 8.38 0.74 -11.81
CA ILE A 366 7.86 -0.61 -12.05
C ILE A 366 8.93 -1.52 -12.62
N VAL A 367 9.68 -1.06 -13.60
CA VAL A 367 10.68 -1.86 -14.30
C VAL A 367 11.95 -1.05 -14.44
N GLU A 368 13.05 -1.56 -13.87
CA GLU A 368 14.31 -0.85 -13.94
C GLU A 368 14.87 -0.85 -15.36
N ARG A 369 14.90 -2.03 -16.00
CA ARG A 369 15.53 -2.15 -17.31
C ARG A 369 14.88 -3.27 -18.11
N CYS A 370 14.43 -2.95 -19.31
CA CYS A 370 13.87 -3.94 -20.23
C CYS A 370 14.07 -3.44 -21.65
N ASP A 371 13.86 -4.33 -22.62
CA ASP A 371 14.01 -3.95 -24.03
C ASP A 371 12.64 -3.80 -24.67
N LEU A 372 12.37 -2.61 -25.18
CA LEU A 372 11.09 -2.32 -25.84
C LEU A 372 11.35 -1.51 -27.10
N PRO A 373 10.54 -1.68 -28.14
CA PRO A 373 10.59 -0.73 -29.25
C PRO A 373 10.14 0.63 -28.79
N GLU A 374 10.48 1.65 -29.56
CA GLU A 374 10.08 3.00 -29.19
C GLU A 374 8.56 3.11 -29.16
N MET A 375 8.03 3.56 -28.03
CA MET A 375 6.61 3.72 -27.82
C MET A 375 6.31 5.19 -27.60
N HIS A 376 5.02 5.54 -27.65
CA HIS A 376 4.59 6.92 -27.60
C HIS A 376 3.49 7.10 -26.58
N VAL A 377 3.30 8.35 -26.15
CA VAL A 377 2.23 8.68 -25.22
C VAL A 377 0.89 8.31 -25.84
N GLY A 378 0.04 7.63 -25.07
CA GLY A 378 -1.21 7.10 -25.57
C GLY A 378 -1.16 5.63 -25.92
N ASP A 379 0.03 5.05 -26.05
CA ASP A 379 0.15 3.62 -26.27
C ASP A 379 -0.17 2.86 -24.99
N TRP A 380 -0.52 1.59 -25.16
CA TRP A 380 -0.94 0.73 -24.05
C TRP A 380 0.12 -0.34 -23.77
N MET A 381 0.24 -0.67 -22.49
CA MET A 381 1.08 -1.77 -22.01
C MET A 381 0.21 -2.74 -21.23
N LEU A 382 0.49 -4.04 -21.38
CA LEU A 382 -0.29 -5.09 -20.76
C LEU A 382 0.59 -5.85 -19.77
N PHE A 383 -0.01 -6.21 -18.64
CA PHE A 383 0.63 -7.06 -17.64
C PHE A 383 -0.32 -8.20 -17.34
N GLU A 384 0.09 -9.42 -17.68
CA GLU A 384 -0.72 -10.60 -17.44
C GLU A 384 -0.47 -11.13 -16.03
N ASN A 385 -1.37 -11.99 -15.57
CA ASN A 385 -1.24 -12.66 -14.28
C ASN A 385 -1.13 -11.66 -13.13
N MET A 386 -2.01 -10.65 -13.16
CA MET A 386 -2.04 -9.60 -12.14
C MET A 386 -3.21 -9.77 -11.16
N GLY A 387 -3.78 -10.97 -11.07
CA GLY A 387 -4.91 -11.19 -10.19
C GLY A 387 -4.58 -11.20 -8.71
N ALA A 388 -3.41 -11.73 -8.35
CA ALA A 388 -3.11 -12.08 -6.97
C ALA A 388 -2.31 -10.98 -6.28
N TYR A 389 -2.78 -10.56 -5.10
CA TYR A 389 -2.07 -9.62 -4.24
C TYR A 389 -1.70 -8.33 -4.96
N THR A 390 -2.59 -7.87 -5.84
CA THR A 390 -2.37 -6.60 -6.54
C THR A 390 -3.42 -5.55 -6.16
N VAL A 391 -4.70 -5.78 -6.48
CA VAL A 391 -5.73 -4.81 -6.12
C VAL A 391 -6.01 -4.86 -4.62
N ALA A 392 -5.90 -6.04 -4.02
CA ALA A 392 -6.21 -6.20 -2.60
C ALA A 392 -5.36 -5.32 -1.70
N ALA A 393 -4.19 -4.87 -2.17
CA ALA A 393 -3.27 -4.11 -1.34
C ALA A 393 -2.93 -2.75 -1.94
N ALA A 394 -3.70 -2.28 -2.93
CA ALA A 394 -3.42 -0.99 -3.55
C ALA A 394 -3.97 0.14 -2.69
N SER A 395 -3.34 1.29 -2.80
CA SER A 395 -3.75 2.50 -2.07
C SER A 395 -4.03 3.62 -3.07
N THR A 396 -4.64 4.69 -2.54
CA THR A 396 -4.94 5.88 -3.33
C THR A 396 -3.92 6.99 -3.10
N PHE A 397 -2.68 6.62 -2.81
CA PHE A 397 -1.62 7.60 -2.58
C PHE A 397 -1.50 8.52 -3.79
N ASN A 398 -1.30 9.81 -3.51
CA ASN A 398 -1.19 10.88 -4.50
C ASN A 398 -2.52 11.21 -5.16
N GLY A 399 -3.60 10.59 -4.70
CA GLY A 399 -4.91 10.79 -5.28
C GLY A 399 -5.22 9.97 -6.51
N PHE A 400 -4.35 9.06 -6.90
CA PHE A 400 -4.59 8.24 -8.09
C PHE A 400 -5.53 7.09 -7.76
N GLN A 401 -6.62 6.99 -8.51
CA GLN A 401 -7.69 6.05 -8.23
C GLN A 401 -7.34 4.63 -8.68
N ARG A 402 -8.05 3.67 -8.11
CA ARG A 402 -7.88 2.27 -8.47
C ARG A 402 -8.39 2.03 -9.88
N PRO A 403 -7.68 1.24 -10.69
CA PRO A 403 -8.14 0.98 -12.06
C PRO A 403 -9.48 0.25 -12.08
N THR A 404 -10.32 0.64 -13.03
CA THR A 404 -11.63 0.01 -13.19
C THR A 404 -11.46 -1.46 -13.59
N ILE A 405 -12.26 -2.34 -13.00
CA ILE A 405 -12.20 -3.77 -13.27
C ILE A 405 -13.42 -4.15 -14.11
N TYR A 406 -13.20 -4.77 -15.26
CA TYR A 406 -14.27 -5.26 -16.12
C TYR A 406 -14.32 -6.77 -16.01
N TYR A 407 -15.45 -7.30 -15.56
CA TYR A 407 -15.62 -8.73 -15.38
C TYR A 407 -16.29 -9.32 -16.61
N VAL A 408 -15.67 -10.35 -17.19
CA VAL A 408 -16.21 -11.01 -18.37
C VAL A 408 -16.44 -12.49 -18.06
N MET A 409 -17.38 -13.08 -18.78
CA MET A 409 -17.71 -14.49 -18.62
C MET A 409 -18.43 -14.97 -19.88
N SER A 410 -17.98 -16.10 -20.42
CA SER A 410 -18.64 -16.67 -21.59
C SER A 410 -19.88 -17.46 -21.17
N GLY A 411 -20.67 -17.84 -22.17
CA GLY A 411 -21.83 -18.67 -21.97
C GLY A 411 -21.49 -20.05 -21.42
N PRO A 412 -20.58 -20.76 -22.09
CA PRO A 412 -20.13 -22.06 -21.56
C PRO A 412 -19.59 -21.99 -20.14
N ALA A 413 -18.83 -20.93 -19.81
CA ALA A 413 -18.35 -20.78 -18.44
C ALA A 413 -19.51 -20.67 -17.45
N TRP A 414 -20.55 -19.92 -17.82
CA TRP A 414 -21.73 -19.84 -16.96
C TRP A 414 -22.43 -21.19 -16.85
N GLN A 415 -22.44 -21.97 -17.93
CA GLN A 415 -22.97 -23.32 -17.86
C GLN A 415 -22.18 -24.18 -16.88
N LEU A 416 -20.86 -24.07 -16.92
CA LEU A 416 -20.02 -24.80 -15.98
C LEU A 416 -20.31 -24.39 -14.54
N MET A 417 -20.47 -23.09 -14.31
CA MET A 417 -20.84 -22.62 -12.98
C MET A 417 -22.18 -23.22 -12.54
N GLN A 418 -23.12 -23.35 -13.47
CA GLN A 418 -24.38 -24.00 -13.16
C GLN A 418 -24.16 -25.46 -12.78
N GLN A 419 -23.25 -26.13 -13.49
CA GLN A 419 -22.93 -27.52 -13.16
C GLN A 419 -22.37 -27.64 -11.75
N PHE A 420 -21.45 -26.76 -11.38
CA PHE A 420 -20.89 -26.80 -10.04
C PHE A 420 -21.95 -26.56 -8.98
N GLN A 421 -22.84 -25.59 -9.22
CA GLN A 421 -23.87 -25.25 -8.25
C GLN A 421 -24.79 -26.43 -7.97
N ASN A 422 -25.13 -27.20 -9.01
CA ASN A 422 -26.00 -28.35 -8.84
C ASN A 422 -25.26 -29.51 -8.17
N ASN B 6 -19.53 12.28 11.11
CA ASN B 6 -18.30 11.92 10.43
C ASN B 6 -17.09 12.45 11.18
N GLU B 7 -16.15 11.54 11.48
CA GLU B 7 -14.97 11.89 12.26
C GLU B 7 -14.00 12.79 11.49
N GLU B 8 -14.12 12.84 10.16
CA GLU B 8 -13.23 13.68 9.36
C GLU B 8 -13.34 15.15 9.71
N PHE B 9 -14.56 15.65 9.91
CA PHE B 9 -14.79 17.05 10.21
C PHE B 9 -15.07 17.30 11.68
N ASP B 10 -14.97 16.27 12.52
CA ASP B 10 -15.21 16.38 13.95
C ASP B 10 -13.90 16.77 14.65
N CYS B 11 -13.93 17.87 15.40
CA CYS B 11 -12.77 18.31 16.16
C CYS B 11 -13.13 18.43 17.64
N HIS B 12 -12.24 17.96 18.50
CA HIS B 12 -12.45 17.98 19.94
C HIS B 12 -11.63 19.09 20.59
N PHE B 13 -12.13 19.59 21.72
CA PHE B 13 -11.45 20.64 22.46
C PHE B 13 -10.28 20.08 23.24
N LEU B 14 -9.22 20.88 23.36
CA LEU B 14 -8.07 20.59 24.20
C LEU B 14 -8.08 21.58 25.37
N ASP B 15 -8.26 21.06 26.57
CA ASP B 15 -8.39 21.92 27.73
C ASP B 15 -7.04 22.50 28.13
N GLU B 16 -7.07 23.65 28.79
CA GLU B 16 -5.85 24.31 29.23
C GLU B 16 -5.07 23.42 30.17
N GLY B 17 -3.76 23.36 29.98
CA GLY B 17 -2.90 22.49 30.76
C GLY B 17 -2.86 21.07 30.26
N PHE B 18 -3.52 20.76 29.16
CA PHE B 18 -3.55 19.43 28.59
C PHE B 18 -2.88 19.44 27.22
N THR B 19 -2.12 18.39 26.95
CA THR B 19 -1.44 18.20 25.68
C THR B 19 -1.96 16.93 25.03
N ALA B 20 -1.82 16.85 23.70
CA ALA B 20 -2.20 15.69 22.91
C ALA B 20 -1.85 14.37 23.60
N LYS B 21 -0.69 14.32 24.25
CA LYS B 21 -0.29 13.11 24.98
C LYS B 21 -1.24 12.82 26.14
N ASP B 22 -1.67 13.86 26.85
CA ASP B 22 -2.59 13.67 27.97
C ASP B 22 -3.95 13.17 27.46
N ILE B 23 -4.41 13.74 26.37
CA ILE B 23 -5.66 13.30 25.73
C ILE B 23 -5.56 11.84 25.33
N LEU B 24 -4.42 11.43 24.77
CA LEU B 24 -4.22 10.04 24.39
C LEU B 24 -4.29 9.12 25.62
N ASP B 25 -3.59 9.51 26.69
CA ASP B 25 -3.61 8.72 27.92
C ASP B 25 -5.03 8.59 28.47
N GLN B 26 -5.80 9.68 28.43
CA GLN B 26 -7.17 9.63 28.91
C GLN B 26 -8.01 8.65 28.09
N LYS B 27 -7.88 8.70 26.76
CA LYS B 27 -8.63 7.77 25.93
C LYS B 27 -8.27 6.34 26.28
N ILE B 28 -6.98 6.06 26.46
CA ILE B 28 -6.55 4.70 26.76
C ILE B 28 -7.11 4.23 28.10
N ASN B 29 -7.06 5.09 29.13
CA ASN B 29 -7.58 4.70 30.44
C ASN B 29 -9.08 4.43 30.39
N GLU B 30 -9.83 5.24 29.64
CA GLU B 30 -11.28 5.12 29.62
C GLU B 30 -11.78 3.83 28.97
N VAL B 31 -11.09 3.31 27.95
CA VAL B 31 -11.58 2.14 27.21
C VAL B 31 -10.98 0.85 27.74
N SER B 32 -10.36 0.91 28.92
CA SER B 32 -9.60 -0.23 29.45
C SER B 32 -10.47 -1.38 29.94
N SER B 33 -11.78 -1.18 30.15
CA SER B 33 -12.61 -2.24 30.72
C SER B 33 -13.16 -3.20 29.67
N SER B 34 -13.94 -2.71 28.70
CA SER B 34 -14.69 -3.57 27.81
C SER B 34 -14.60 -3.23 26.33
N ASP B 35 -14.08 -2.05 25.98
CA ASP B 35 -14.12 -1.59 24.60
C ASP B 35 -13.22 -2.43 23.68
N ASP B 36 -13.57 -2.44 22.41
CA ASP B 36 -12.64 -2.95 21.40
C ASP B 36 -11.46 -1.98 21.30
N LYS B 37 -10.25 -2.52 21.32
CA LYS B 37 -9.06 -1.68 21.37
C LYS B 37 -8.42 -1.59 19.98
N ASP B 38 -9.12 -0.85 19.12
CA ASP B 38 -8.61 -0.56 17.79
C ASP B 38 -7.53 0.51 17.86
N ALA B 39 -6.59 0.43 16.91
CA ALA B 39 -5.58 1.47 16.80
C ALA B 39 -6.25 2.80 16.47
N PHE B 40 -5.68 3.89 16.99
CA PHE B 40 -6.23 5.20 16.68
C PHE B 40 -5.13 6.25 16.69
N TYR B 41 -5.37 7.32 15.94
CA TYR B 41 -4.50 8.48 15.91
C TYR B 41 -5.06 9.59 16.79
N VAL B 42 -4.17 10.35 17.40
CA VAL B 42 -4.49 11.67 17.93
C VAL B 42 -3.73 12.69 17.11
N ALA B 43 -4.47 13.59 16.46
CA ALA B 43 -3.90 14.62 15.59
C ALA B 43 -4.16 15.99 16.20
N ASP B 44 -3.08 16.67 16.56
CA ASP B 44 -3.16 18.01 17.16
C ASP B 44 -3.02 19.04 16.05
N LEU B 45 -4.16 19.65 15.65
CA LEU B 45 -4.12 20.69 14.64
C LEU B 45 -3.40 21.95 15.14
N GLY B 46 -3.37 22.16 16.47
CA GLY B 46 -2.59 23.23 17.03
C GLY B 46 -1.10 23.08 16.73
N ASP B 47 -0.62 21.84 16.67
CA ASP B 47 0.77 21.62 16.29
C ASP B 47 1.02 22.09 14.87
N ILE B 48 0.03 21.90 13.98
CA ILE B 48 0.16 22.40 12.61
C ILE B 48 0.20 23.92 12.59
N LEU B 49 -0.63 24.57 13.42
CA LEU B 49 -0.55 26.04 13.52
C LEU B 49 0.82 26.49 14.01
N LYS B 50 1.37 25.79 15.01
CA LYS B 50 2.70 26.12 15.50
C LYS B 50 3.74 25.97 14.41
N LYS B 51 3.62 24.90 13.60
CA LYS B 51 4.55 24.71 12.50
C LYS B 51 4.46 25.86 11.50
N HIS B 52 3.25 26.32 11.19
CA HIS B 52 3.13 27.45 10.27
C HIS B 52 3.76 28.71 10.84
N LEU B 53 3.54 28.97 12.13
CA LEU B 53 4.17 30.13 12.77
C LEU B 53 5.68 30.05 12.67
N ARG B 54 6.22 28.86 12.96
CA ARG B 54 7.65 28.63 12.90
C ARG B 54 8.17 28.84 11.49
N TRP B 55 7.40 28.43 10.49
CA TRP B 55 7.80 28.64 9.10
C TRP B 55 7.85 30.13 8.76
N LEU B 56 6.78 30.86 9.10
CA LEU B 56 6.76 32.29 8.84
C LEU B 56 7.94 33.00 9.51
N LYS B 57 8.34 32.52 10.68
CA LYS B 57 9.47 33.15 11.36
C LYS B 57 10.81 32.77 10.74
N ALA B 58 10.96 31.51 10.32
CA ALA B 58 12.25 31.02 9.85
C ALA B 58 12.53 31.35 8.39
N LEU B 59 11.50 31.37 7.55
CA LEU B 59 11.65 31.60 6.11
C LEU B 59 10.69 32.70 5.67
N PRO B 60 10.92 33.94 6.11
CA PRO B 60 9.93 35.01 5.86
C PRO B 60 9.69 35.32 4.40
N ARG B 61 10.64 35.01 3.50
CA ARG B 61 10.48 35.32 2.09
C ARG B 61 9.86 34.19 1.29
N VAL B 62 9.55 33.05 1.90
CA VAL B 62 9.17 31.84 1.19
C VAL B 62 7.73 31.51 1.53
N THR B 63 6.86 31.49 0.52
CA THR B 63 5.46 31.11 0.71
C THR B 63 5.34 29.60 0.73
N PRO B 64 4.78 29.00 1.78
CA PRO B 64 4.65 27.54 1.82
C PRO B 64 3.46 27.04 1.02
N PHE B 65 3.71 26.05 0.16
CA PHE B 65 2.66 25.32 -0.56
C PHE B 65 2.62 23.90 -0.01
N TYR B 66 1.62 23.59 0.79
CA TYR B 66 1.54 22.29 1.45
C TYR B 66 1.40 21.16 0.43
N ALA B 67 2.28 20.17 0.53
CA ALA B 67 2.26 18.99 -0.34
C ALA B 67 1.15 18.06 0.13
N VAL B 68 -0.01 18.15 -0.53
CA VAL B 68 -1.20 17.41 -0.11
C VAL B 68 -0.92 15.90 -0.02
N LYS B 69 -0.09 15.37 -0.91
CA LYS B 69 0.11 13.93 -0.96
C LYS B 69 0.64 13.37 0.36
N CYS B 70 1.31 14.21 1.15
CA CYS B 70 1.89 13.75 2.40
C CYS B 70 0.83 13.29 3.38
N ASN B 71 -0.26 14.05 3.51
CA ASN B 71 -1.39 13.66 4.35
C ASN B 71 -2.59 14.46 3.88
N ASP B 72 -3.54 13.81 3.19
CA ASP B 72 -4.63 14.50 2.53
C ASP B 72 -5.87 14.62 3.42
N SER B 73 -5.71 14.49 4.73
CA SER B 73 -6.84 14.60 5.65
C SER B 73 -7.54 15.95 5.48
N LYS B 74 -8.86 15.90 5.32
CA LYS B 74 -9.64 17.12 5.07
C LYS B 74 -9.46 18.14 6.18
N ALA B 75 -9.35 17.68 7.43
CA ALA B 75 -9.12 18.61 8.53
C ALA B 75 -7.82 19.37 8.36
N ILE B 76 -6.75 18.67 7.96
CA ILE B 76 -5.45 19.31 7.78
C ILE B 76 -5.52 20.36 6.68
N VAL B 77 -6.13 20.00 5.54
CA VAL B 77 -6.21 20.93 4.42
C VAL B 77 -7.08 22.12 4.77
N LYS B 78 -8.16 21.88 5.53
CA LYS B 78 -9.01 22.99 5.96
C LYS B 78 -8.25 23.96 6.86
N THR B 79 -7.50 23.42 7.82
CA THR B 79 -6.73 24.28 8.73
C THR B 79 -5.69 25.09 7.98
N LEU B 80 -4.94 24.44 7.09
CA LEU B 80 -3.91 25.13 6.33
C LEU B 80 -4.52 26.14 5.37
N ALA B 81 -5.68 25.82 4.79
CA ALA B 81 -6.37 26.78 3.93
C ALA B 81 -6.80 27.99 4.71
N ALA B 82 -7.25 27.80 5.96
CA ALA B 82 -7.62 28.93 6.80
C ALA B 82 -6.37 29.72 7.17
N THR B 83 -5.20 29.13 6.99
CA THR B 83 -3.92 29.78 7.29
C THR B 83 -3.41 30.60 6.10
N ARG B 84 -4.11 30.57 4.96
CA ARG B 84 -3.78 31.29 3.72
C ARG B 84 -2.51 30.76 3.04
N THR B 85 -2.16 29.51 3.25
CA THR B 85 -1.01 28.92 2.56
C THR B 85 -1.44 28.35 1.22
N GLY B 86 -0.46 28.11 0.35
CA GLY B 86 -0.74 27.50 -0.93
C GLY B 86 -0.79 25.99 -0.82
N PHE B 87 -1.16 25.34 -1.92
CA PHE B 87 -1.23 23.89 -1.95
C PHE B 87 -0.54 23.33 -3.19
N ASP B 88 0.31 22.33 -2.99
CA ASP B 88 0.96 21.60 -4.05
C ASP B 88 0.14 20.33 -4.31
N CYS B 89 -0.39 20.20 -5.52
CA CYS B 89 -1.27 19.10 -5.88
C CYS B 89 -0.67 18.33 -7.04
N ALA B 90 -0.70 17.00 -6.94
CA ALA B 90 -0.11 16.13 -7.94
C ALA B 90 -1.11 15.50 -8.89
N SER B 91 -2.41 15.63 -8.62
CA SER B 91 -3.40 14.90 -9.41
C SER B 91 -4.73 15.64 -9.37
N LYS B 92 -5.66 15.14 -10.19
CA LYS B 92 -7.00 15.71 -10.25
C LYS B 92 -7.73 15.58 -8.92
N THR B 93 -7.57 14.45 -8.25
CA THR B 93 -8.26 14.23 -6.98
C THR B 93 -7.81 15.22 -5.92
N GLU B 94 -6.51 15.50 -5.84
CA GLU B 94 -6.01 16.47 -4.87
C GLU B 94 -6.51 17.87 -5.19
N ILE B 95 -6.57 18.23 -6.48
CA ILE B 95 -7.12 19.53 -6.87
C ILE B 95 -8.58 19.64 -6.47
N GLN B 96 -9.35 18.57 -6.70
CA GLN B 96 -10.75 18.57 -6.28
C GLN B 96 -10.88 18.73 -4.77
N LEU B 97 -10.03 18.02 -4.02
CA LEU B 97 -10.07 18.10 -2.56
C LEU B 97 -9.78 19.51 -2.08
N VAL B 98 -8.75 20.14 -2.63
CA VAL B 98 -8.36 21.47 -2.20
C VAL B 98 -9.41 22.50 -2.59
N GLN B 99 -9.93 22.44 -3.83
CA GLN B 99 -10.95 23.39 -4.25
C GLN B 99 -12.26 23.22 -3.50
N SER B 100 -12.61 21.98 -3.13
CA SER B 100 -13.86 21.75 -2.41
C SER B 100 -13.89 22.49 -1.09
N LEU B 101 -12.74 22.62 -0.43
CA LEU B 101 -12.64 23.38 0.81
C LEU B 101 -12.65 24.90 0.59
N GLY B 102 -12.61 25.36 -0.65
CA GLY B 102 -12.74 26.77 -0.94
C GLY B 102 -11.47 27.49 -1.35
N VAL B 103 -10.41 26.78 -1.70
CA VAL B 103 -9.15 27.42 -2.06
C VAL B 103 -9.21 27.87 -3.52
N PRO B 104 -8.91 29.12 -3.80
CA PRO B 104 -8.92 29.60 -5.20
C PRO B 104 -7.76 29.00 -5.98
N PRO B 105 -7.85 28.99 -7.32
CA PRO B 105 -6.81 28.31 -8.12
C PRO B 105 -5.43 28.94 -8.01
N GLU B 106 -5.33 30.25 -7.76
CA GLU B 106 -4.01 30.88 -7.70
C GLU B 106 -3.22 30.49 -6.47
N ARG B 107 -3.82 29.76 -5.53
CA ARG B 107 -3.12 29.19 -4.39
C ARG B 107 -2.83 27.70 -4.59
N ILE B 108 -2.88 27.23 -5.83
CA ILE B 108 -2.65 25.84 -6.18
C ILE B 108 -1.55 25.78 -7.23
N ILE B 109 -0.54 24.96 -7.00
CA ILE B 109 0.42 24.60 -8.03
C ILE B 109 0.33 23.11 -8.33
N TYR B 110 0.23 22.80 -9.63
CA TYR B 110 0.15 21.43 -10.12
C TYR B 110 1.57 20.92 -10.34
N ALA B 111 2.21 20.52 -9.25
CA ALA B 111 3.64 20.23 -9.25
C ALA B 111 3.92 18.75 -9.49
N ASN B 112 3.37 18.21 -10.58
CA ASN B 112 3.70 16.88 -11.07
C ASN B 112 4.35 17.06 -12.43
N PRO B 113 5.62 16.67 -12.61
CA PRO B 113 6.28 16.93 -13.91
C PRO B 113 5.78 16.06 -15.04
N CYS B 114 5.08 14.95 -14.76
CA CYS B 114 4.69 13.97 -15.78
C CYS B 114 3.20 13.68 -15.61
N LYS B 115 2.35 14.49 -16.25
CA LYS B 115 0.92 14.49 -15.99
C LYS B 115 0.16 13.84 -17.15
N GLN B 116 -0.84 13.04 -16.82
CA GLN B 116 -1.75 12.51 -17.82
C GLN B 116 -2.51 13.64 -18.51
N VAL B 117 -2.67 13.52 -19.83
CA VAL B 117 -3.30 14.59 -20.63
C VAL B 117 -4.64 14.99 -20.03
N SER B 118 -5.47 14.01 -19.69
CA SER B 118 -6.81 14.33 -19.19
C SER B 118 -6.76 15.12 -17.89
N GLN B 119 -5.74 14.90 -17.06
CA GLN B 119 -5.63 15.67 -15.82
C GLN B 119 -5.08 17.07 -16.08
N ILE B 120 -4.24 17.24 -17.10
CA ILE B 120 -3.88 18.59 -17.53
C ILE B 120 -5.12 19.33 -18.01
N LYS B 121 -5.98 18.63 -18.73
CA LYS B 121 -7.25 19.20 -19.18
C LYS B 121 -8.10 19.61 -18.00
N TYR B 122 -8.20 18.75 -16.98
CA TYR B 122 -8.96 19.10 -15.79
C TYR B 122 -8.38 20.35 -15.11
N ALA B 123 -7.05 20.43 -15.03
CA ALA B 123 -6.43 21.60 -14.42
C ALA B 123 -6.76 22.87 -15.19
N ALA B 124 -6.72 22.79 -16.53
CA ALA B 124 -7.06 23.96 -17.34
C ALA B 124 -8.53 24.36 -17.16
N ASN B 125 -9.43 23.38 -17.13
CA ASN B 125 -10.84 23.68 -16.97
C ASN B 125 -11.15 24.36 -15.65
N ASN B 126 -10.42 24.03 -14.60
CA ASN B 126 -10.69 24.55 -13.26
C ASN B 126 -9.79 25.72 -12.88
N GLY B 127 -9.04 26.27 -13.83
CA GLY B 127 -8.31 27.50 -13.61
C GLY B 127 -6.96 27.36 -12.95
N VAL B 128 -6.45 26.15 -12.76
CA VAL B 128 -5.11 25.94 -12.20
C VAL B 128 -4.11 26.18 -13.32
N GLN B 129 -3.42 27.33 -13.28
CA GLN B 129 -2.59 27.77 -14.38
C GLN B 129 -1.15 27.31 -14.27
N MET B 130 -0.61 27.18 -13.06
CA MET B 130 0.81 26.94 -12.86
C MET B 130 1.10 25.44 -12.74
N MET B 131 1.98 24.93 -13.59
CA MET B 131 2.34 23.52 -13.60
C MET B 131 3.85 23.38 -13.78
N THR B 132 4.41 22.30 -13.26
CA THR B 132 5.82 22.01 -13.47
C THR B 132 6.01 21.07 -14.67
N PHE B 133 7.24 21.03 -15.16
CA PHE B 133 7.59 20.14 -16.26
C PHE B 133 9.09 19.93 -16.29
N ASP B 134 9.52 18.80 -16.90
CA ASP B 134 10.94 18.57 -17.12
C ASP B 134 11.26 17.83 -18.42
N SER B 135 10.34 17.78 -19.39
CA SER B 135 10.60 17.05 -20.62
C SER B 135 9.90 17.71 -21.80
N GLU B 136 10.39 17.42 -22.99
CA GLU B 136 9.84 17.98 -24.22
C GLU B 136 8.43 17.45 -24.51
N VAL B 137 8.22 16.15 -24.30
CA VAL B 137 6.89 15.57 -24.51
C VAL B 137 5.87 16.23 -23.61
N GLU B 138 6.27 16.62 -22.41
CA GLU B 138 5.39 17.37 -21.53
C GLU B 138 5.03 18.73 -22.14
N LEU B 139 6.01 19.38 -22.79
CA LEU B 139 5.71 20.62 -23.50
C LEU B 139 4.70 20.39 -24.62
N MET B 140 4.82 19.26 -25.34
CA MET B 140 3.85 18.93 -26.37
C MET B 140 2.45 18.79 -25.78
N LYS B 141 2.35 18.06 -24.67
CA LYS B 141 1.07 17.82 -24.03
C LYS B 141 0.46 19.11 -23.50
N VAL B 142 1.28 19.99 -22.93
CA VAL B 142 0.78 21.27 -22.42
C VAL B 142 0.31 22.15 -23.58
N ALA B 143 1.08 22.21 -24.66
CA ALA B 143 0.65 22.97 -25.83
C ALA B 143 -0.67 22.46 -26.37
N ARG B 144 -0.92 21.16 -26.29
CA ARG B 144 -2.17 20.63 -26.82
C ARG B 144 -3.34 20.85 -25.86
N ALA B 145 -3.13 20.66 -24.55
CA ALA B 145 -4.24 20.61 -23.61
C ALA B 145 -4.34 21.80 -22.67
N HIS B 146 -3.30 22.60 -22.53
CA HIS B 146 -3.32 23.74 -21.60
C HIS B 146 -2.39 24.84 -22.12
N PRO B 147 -2.65 25.40 -23.30
CA PRO B 147 -1.63 26.24 -23.95
C PRO B 147 -1.30 27.53 -23.20
N LYS B 148 -2.17 28.02 -22.34
CA LYS B 148 -1.92 29.28 -21.64
C LYS B 148 -1.38 29.08 -20.23
N ALA B 149 -0.90 27.88 -19.91
CA ALA B 149 -0.37 27.57 -18.60
C ALA B 149 0.94 28.32 -18.33
N LYS B 150 1.22 28.55 -17.05
CA LYS B 150 2.50 29.08 -16.60
C LYS B 150 3.35 27.90 -16.12
N LEU B 151 4.44 27.63 -16.81
CA LEU B 151 5.25 26.45 -16.55
C LEU B 151 6.47 26.78 -15.69
N VAL B 152 6.76 25.87 -14.77
CA VAL B 152 7.92 25.92 -13.90
C VAL B 152 8.79 24.72 -14.25
N LEU B 153 10.04 24.98 -14.61
CA LEU B 153 10.95 23.92 -15.05
C LEU B 153 11.59 23.30 -13.83
N ARG B 154 11.41 21.99 -13.64
CA ARG B 154 12.01 21.28 -12.52
C ARG B 154 13.38 20.78 -12.94
N ILE B 155 14.41 21.14 -12.17
CA ILE B 155 15.78 20.78 -12.47
C ILE B 155 16.21 19.67 -11.53
N ALA B 156 17.13 18.84 -12.00
CA ALA B 156 17.62 17.72 -11.19
C ALA B 156 18.54 18.22 -10.09
N THR B 157 18.43 17.58 -8.93
CA THR B 157 19.34 17.79 -7.82
C THR B 157 19.91 16.45 -7.42
N ASP B 158 21.21 16.42 -7.12
CA ASP B 158 21.88 15.18 -6.77
C ASP B 158 21.63 14.81 -5.31
N ASP B 159 21.20 13.57 -5.08
CA ASP B 159 21.02 13.01 -3.75
C ASP B 159 21.98 11.82 -3.66
N SER B 160 23.13 12.03 -3.00
CA SER B 160 24.15 11.00 -2.94
C SER B 160 23.68 9.74 -2.24
N LYS B 161 22.85 9.88 -1.22
CA LYS B 161 22.37 8.73 -0.45
C LYS B 161 21.14 8.05 -1.04
N ALA B 162 20.69 8.46 -2.22
CA ALA B 162 19.55 7.81 -2.86
C ALA B 162 19.90 6.38 -3.25
N VAL B 163 18.90 5.50 -3.17
CA VAL B 163 19.12 4.08 -3.47
C VAL B 163 19.45 3.88 -4.94
N CYS B 164 18.79 4.60 -5.84
CA CYS B 164 18.97 4.44 -7.28
C CYS B 164 19.46 5.76 -7.87
N ARG B 165 20.79 5.90 -7.94
CA ARG B 165 21.39 7.15 -8.41
C ARG B 165 21.50 7.25 -9.92
N LEU B 166 21.56 6.13 -10.65
CA LEU B 166 21.66 6.21 -12.09
C LEU B 166 20.33 6.54 -12.76
N SER B 167 19.23 5.98 -12.26
CA SER B 167 17.91 6.23 -12.82
C SER B 167 17.19 7.22 -11.92
N VAL B 168 17.05 8.46 -12.39
CA VAL B 168 16.40 9.53 -11.65
C VAL B 168 15.06 9.81 -12.32
N LYS B 169 13.99 9.77 -11.53
CA LYS B 169 12.64 9.89 -12.10
C LYS B 169 12.38 11.29 -12.65
N PHE B 170 12.81 12.33 -11.93
CA PHE B 170 12.45 13.70 -12.28
C PHE B 170 13.69 14.59 -12.32
N GLY B 171 13.54 15.73 -12.99
CA GLY B 171 14.56 16.76 -13.01
C GLY B 171 15.38 16.83 -14.28
N ALA B 172 15.39 18.00 -14.90
CA ALA B 172 16.22 18.25 -16.07
C ALA B 172 17.61 18.70 -15.66
N THR B 173 18.63 18.25 -16.40
CA THR B 173 19.96 18.79 -16.24
C THR B 173 20.03 20.20 -16.84
N LEU B 174 21.13 20.90 -16.54
CA LEU B 174 21.33 22.24 -17.07
C LEU B 174 21.36 22.23 -18.60
N ARG B 175 22.09 21.29 -19.18
CA ARG B 175 22.19 21.18 -20.63
C ARG B 175 20.83 20.91 -21.24
N THR B 176 20.08 19.97 -20.65
CA THR B 176 18.72 19.71 -21.11
C THR B 176 17.82 20.92 -20.87
N SER B 177 18.07 21.67 -19.79
CA SER B 177 17.26 22.84 -19.48
C SER B 177 17.33 23.88 -20.58
N ARG B 178 18.52 24.10 -21.16
CA ARG B 178 18.62 25.09 -22.22
C ARG B 178 17.74 24.71 -23.42
N LEU B 179 17.78 23.44 -23.82
CA LEU B 179 16.97 22.98 -24.94
C LEU B 179 15.49 23.04 -24.61
N LEU B 180 15.11 22.69 -23.37
CA LEU B 180 13.71 22.78 -22.99
C LEU B 180 13.20 24.21 -23.05
N LEU B 181 14.02 25.17 -22.60
CA LEU B 181 13.60 26.57 -22.65
C LEU B 181 13.43 27.04 -24.10
N GLU B 182 14.37 26.69 -24.97
CA GLU B 182 14.24 27.10 -26.37
C GLU B 182 13.03 26.43 -27.02
N ARG B 183 12.80 25.15 -26.73
CA ARG B 183 11.64 24.44 -27.28
C ARG B 183 10.34 25.07 -26.80
N ALA B 184 10.27 25.45 -25.52
CA ALA B 184 9.09 26.14 -25.02
C ALA B 184 8.89 27.48 -25.72
N LYS B 185 9.99 28.17 -26.04
CA LYS B 185 9.89 29.40 -26.80
C LYS B 185 9.29 29.15 -28.18
N GLU B 186 9.69 28.05 -28.83
CA GLU B 186 9.14 27.73 -30.14
C GLU B 186 7.63 27.54 -30.09
N LEU B 187 7.13 26.89 -29.04
CA LEU B 187 5.72 26.52 -28.93
C LEU B 187 4.84 27.62 -28.34
N ASN B 188 5.42 28.81 -28.08
CA ASN B 188 4.67 29.93 -27.50
C ASN B 188 4.10 29.54 -26.13
N ILE B 189 4.89 28.82 -25.35
CA ILE B 189 4.53 28.39 -24.01
C ILE B 189 5.34 29.23 -23.02
N ASP B 190 4.65 29.78 -22.02
CA ASP B 190 5.28 30.68 -21.05
C ASP B 190 5.93 29.87 -19.94
N VAL B 191 7.23 30.07 -19.73
CA VAL B 191 7.98 29.48 -18.64
C VAL B 191 8.30 30.58 -17.64
N VAL B 192 7.81 30.45 -16.40
CA VAL B 192 7.86 31.52 -15.42
C VAL B 192 8.83 31.28 -14.28
N GLY B 193 9.44 30.10 -14.17
CA GLY B 193 10.31 29.87 -13.03
C GLY B 193 10.98 28.52 -13.06
N VAL B 194 11.55 28.18 -11.90
CA VAL B 194 12.37 26.98 -11.72
C VAL B 194 12.00 26.35 -10.39
N SER B 195 11.96 25.01 -10.35
CA SER B 195 11.75 24.28 -9.10
C SER B 195 12.81 23.20 -8.93
N PHE B 196 13.06 22.82 -7.68
CA PHE B 196 13.99 21.75 -7.37
C PHE B 196 13.55 21.07 -6.08
N HIS B 197 14.00 19.82 -5.89
CA HIS B 197 13.68 19.05 -4.70
C HIS B 197 14.94 18.34 -4.20
N VAL B 198 15.44 18.77 -3.03
CA VAL B 198 16.61 18.08 -2.46
C VAL B 198 16.20 16.74 -1.87
N GLY B 199 15.01 16.64 -1.29
CA GLY B 199 14.56 15.41 -0.67
C GLY B 199 14.71 15.44 0.84
N SER B 200 14.03 14.49 1.50
CA SER B 200 14.08 14.39 2.95
C SER B 200 15.30 13.64 3.47
N GLY B 201 16.16 13.14 2.58
CA GLY B 201 17.35 12.41 2.93
C GLY B 201 18.58 13.29 3.02
N CYS B 202 18.39 14.60 2.92
CA CYS B 202 19.50 15.55 2.96
C CYS B 202 20.24 15.48 4.29
N THR B 203 21.57 15.41 4.22
CA THR B 203 22.42 15.36 5.40
C THR B 203 23.24 16.63 5.59
N ASP B 204 23.61 17.29 4.49
CA ASP B 204 24.30 18.57 4.52
C ASP B 204 23.37 19.65 4.00
N PRO B 205 23.20 20.76 4.72
CA PRO B 205 22.36 21.85 4.20
C PRO B 205 22.93 22.52 2.96
N GLU B 206 24.25 22.41 2.74
CA GLU B 206 24.88 23.06 1.60
C GLU B 206 24.29 22.63 0.27
N THR B 207 23.69 21.42 0.20
CA THR B 207 23.04 21.01 -1.04
C THR B 207 21.99 22.02 -1.47
N PHE B 208 21.22 22.54 -0.51
CA PHE B 208 20.25 23.58 -0.83
C PHE B 208 20.93 24.74 -1.53
N VAL B 209 22.09 25.16 -1.03
CA VAL B 209 22.80 26.27 -1.65
C VAL B 209 23.12 25.94 -3.09
N GLN B 210 23.64 24.72 -3.31
CA GLN B 210 23.98 24.33 -4.67
C GLN B 210 22.73 24.37 -5.54
N ALA B 211 21.62 23.85 -5.02
CA ALA B 211 20.39 23.85 -5.80
C ALA B 211 19.99 25.28 -6.12
N ILE B 212 20.06 26.17 -5.13
CA ILE B 212 19.69 27.55 -5.37
C ILE B 212 20.59 28.14 -6.44
N SER B 213 21.89 27.85 -6.37
CA SER B 213 22.81 28.34 -7.37
C SER B 213 22.42 27.82 -8.75
N ASP B 214 22.11 26.53 -8.83
CA ASP B 214 21.70 25.97 -10.12
C ASP B 214 20.45 26.66 -10.61
N ALA B 215 19.51 26.94 -9.71
CA ALA B 215 18.28 27.61 -10.14
C ALA B 215 18.62 28.97 -10.74
N ARG B 216 19.53 29.70 -10.10
CA ARG B 216 19.92 31.00 -10.64
C ARG B 216 20.44 30.85 -12.06
N CYS B 217 21.23 29.81 -12.30
CA CYS B 217 21.77 29.58 -13.63
C CYS B 217 20.64 29.44 -14.64
N VAL B 218 19.66 28.59 -14.31
CA VAL B 218 18.58 28.39 -15.28
C VAL B 218 17.79 29.67 -15.44
N PHE B 219 17.65 30.46 -14.36
CA PHE B 219 16.98 31.74 -14.49
C PHE B 219 17.66 32.59 -15.55
N ASP B 220 19.00 32.68 -15.47
CA ASP B 220 19.74 33.45 -16.47
C ASP B 220 19.48 32.90 -17.86
N MET B 221 19.42 31.57 -17.99
CA MET B 221 19.16 30.97 -19.29
C MET B 221 17.82 31.45 -19.85
N GLY B 222 16.80 31.52 -18.99
CA GLY B 222 15.52 32.00 -19.45
C GLY B 222 15.61 33.42 -19.98
N ALA B 223 16.38 34.27 -19.29
CA ALA B 223 16.56 35.64 -19.76
C ALA B 223 17.19 35.66 -21.13
N GLU B 224 18.12 34.73 -21.39
CA GLU B 224 18.76 34.65 -22.69
C GLU B 224 17.75 34.33 -23.78
N VAL B 225 16.77 33.46 -23.48
CA VAL B 225 15.80 33.04 -24.48
C VAL B 225 14.60 33.99 -24.54
N GLY B 226 14.57 35.01 -23.69
CA GLY B 226 13.50 35.99 -23.69
C GLY B 226 12.37 35.74 -22.71
N PHE B 227 12.47 34.69 -21.90
CA PHE B 227 11.45 34.43 -20.90
C PHE B 227 11.60 35.36 -19.70
N SER B 228 10.47 35.64 -19.04
CA SER B 228 10.46 36.42 -17.81
C SER B 228 10.32 35.43 -16.66
N MET B 229 11.41 35.26 -15.90
CA MET B 229 11.46 34.30 -14.81
C MET B 229 11.28 35.03 -13.49
N TYR B 230 10.21 34.69 -12.77
CA TYR B 230 9.95 35.28 -11.47
C TYR B 230 9.73 34.26 -10.35
N LEU B 231 9.43 33.01 -10.66
CA LEU B 231 9.06 32.03 -9.64
C LEU B 231 10.21 31.08 -9.31
N LEU B 232 10.57 31.01 -8.03
CA LEU B 232 11.55 30.07 -7.52
C LEU B 232 10.88 29.14 -6.51
N ASP B 233 10.92 27.84 -6.77
CA ASP B 233 10.30 26.82 -5.93
C ASP B 233 11.40 25.93 -5.36
N ILE B 234 11.59 25.98 -4.04
CA ILE B 234 12.71 25.28 -3.41
C ILE B 234 12.28 23.92 -2.87
N GLY B 235 11.05 23.50 -3.19
CA GLY B 235 10.56 22.17 -2.87
C GLY B 235 10.43 21.87 -1.38
N GLY B 236 10.60 20.59 -1.04
CA GLY B 236 10.43 20.14 0.33
C GLY B 236 11.63 19.45 0.95
N GLY B 237 11.37 18.47 1.81
CA GLY B 237 12.40 17.74 2.51
C GLY B 237 12.73 18.25 3.89
N PHE B 238 12.10 19.33 4.33
CA PHE B 238 12.37 19.87 5.66
C PHE B 238 11.84 18.93 6.73
N PRO B 239 12.59 18.71 7.81
CA PRO B 239 12.15 17.75 8.83
C PRO B 239 10.89 18.18 9.55
N GLY B 240 10.12 17.19 9.98
CA GLY B 240 8.84 17.45 10.61
C GLY B 240 8.83 17.19 12.09
N SER B 241 9.97 16.84 12.67
CA SER B 241 10.07 16.63 14.11
C SER B 241 11.48 16.98 14.56
N GLU B 242 11.65 17.12 15.88
CA GLU B 242 12.94 17.40 16.47
C GLU B 242 13.82 16.17 16.59
N ASP B 243 13.30 14.99 16.29
CA ASP B 243 14.05 13.74 16.41
C ASP B 243 14.84 13.45 15.13
N VAL B 244 15.67 14.43 14.74
CA VAL B 244 16.50 14.33 13.54
C VAL B 244 17.84 14.98 13.83
N LYS B 245 18.87 14.51 13.11
CA LYS B 245 20.20 15.09 13.25
C LYS B 245 20.25 16.51 12.70
N LEU B 246 19.67 16.73 11.52
CA LEU B 246 19.70 18.03 10.87
C LEU B 246 18.34 18.70 11.07
N LYS B 247 18.30 19.71 11.92
CA LYS B 247 17.07 20.38 12.32
C LYS B 247 16.68 21.51 11.36
N PHE B 248 15.39 21.83 11.38
CA PHE B 248 14.80 22.84 10.49
C PHE B 248 15.58 24.15 10.52
N GLU B 249 15.88 24.66 11.71
CA GLU B 249 16.52 25.97 11.83
C GLU B 249 17.91 26.00 11.19
N GLU B 250 18.67 24.92 11.28
CA GLU B 250 19.97 24.89 10.59
C GLU B 250 19.79 25.05 9.08
N ILE B 251 18.84 24.29 8.51
CA ILE B 251 18.56 24.36 7.08
C ILE B 251 18.16 25.77 6.68
N THR B 252 17.20 26.36 7.40
CA THR B 252 16.76 27.72 7.08
C THR B 252 17.88 28.74 7.26
N GLY B 253 18.72 28.55 8.28
CA GLY B 253 19.83 29.45 8.50
C GLY B 253 20.77 29.48 7.32
N VAL B 254 21.02 28.31 6.73
CA VAL B 254 21.84 28.25 5.52
C VAL B 254 21.08 28.82 4.32
N ILE B 255 19.78 28.50 4.20
CA ILE B 255 18.98 28.87 3.02
C ILE B 255 18.81 30.38 2.87
N ASN B 256 18.52 31.10 3.96
CA ASN B 256 18.18 32.52 3.82
C ASN B 256 19.29 33.35 3.19
N PRO B 257 20.57 33.22 3.58
CA PRO B 257 21.61 34.00 2.89
C PRO B 257 21.74 33.63 1.43
N ALA B 258 21.65 32.34 1.09
CA ALA B 258 21.71 31.94 -0.31
C ALA B 258 20.60 32.60 -1.13
N LEU B 259 19.38 32.62 -0.60
CA LEU B 259 18.29 33.32 -1.26
C LEU B 259 18.61 34.80 -1.44
N ASP B 260 19.13 35.44 -0.40
CA ASP B 260 19.47 36.87 -0.52
C ASP B 260 20.55 37.10 -1.57
N LYS B 261 21.52 36.19 -1.66
CA LYS B 261 22.64 36.36 -2.59
C LYS B 261 22.21 36.13 -4.03
N TYR B 262 21.49 35.04 -4.30
CA TYR B 262 21.14 34.68 -5.67
C TYR B 262 19.81 35.26 -6.13
N PHE B 263 18.86 35.48 -5.23
CA PHE B 263 17.54 36.01 -5.59
C PHE B 263 17.18 37.14 -4.65
N PRO B 264 17.81 38.31 -4.79
CA PRO B 264 17.45 39.44 -3.94
C PRO B 264 16.02 39.89 -4.21
N SER B 265 15.40 40.47 -3.18
CA SER B 265 13.99 40.85 -3.28
C SER B 265 13.75 41.90 -4.36
N ASP B 266 14.72 42.79 -4.59
CA ASP B 266 14.53 43.84 -5.58
C ASP B 266 14.37 43.29 -6.99
N SER B 267 14.87 42.09 -7.26
CA SER B 267 14.73 41.49 -8.58
C SER B 267 13.27 41.20 -8.94
N GLY B 268 12.39 41.11 -7.94
CA GLY B 268 11.00 40.82 -8.18
C GLY B 268 10.64 39.35 -8.11
N VAL B 269 11.59 38.50 -7.72
CA VAL B 269 11.35 37.06 -7.65
C VAL B 269 10.31 36.74 -6.58
N ARG B 270 9.52 35.70 -6.83
CA ARG B 270 8.59 35.16 -5.86
C ARG B 270 9.07 33.77 -5.46
N ILE B 271 9.36 33.58 -4.18
CA ILE B 271 9.94 32.34 -3.67
C ILE B 271 8.88 31.57 -2.90
N ILE B 272 8.72 30.30 -3.24
CA ILE B 272 7.78 29.38 -2.62
C ILE B 272 8.49 28.07 -2.31
N ALA B 273 7.85 27.27 -1.45
CA ALA B 273 8.35 25.95 -1.11
C ALA B 273 7.19 24.95 -1.12
N GLU B 274 7.54 23.67 -1.11
CA GLU B 274 6.55 22.57 -1.11
C GLU B 274 6.79 21.64 0.07
N PRO B 275 6.63 22.11 1.30
CA PRO B 275 6.87 21.22 2.46
C PRO B 275 5.64 20.38 2.76
N GLY B 276 5.85 19.08 2.92
CA GLY B 276 4.74 18.24 3.32
C GLY B 276 4.88 17.64 4.71
N ARG B 277 6.01 16.99 4.96
CA ARG B 277 6.22 16.35 6.26
C ARG B 277 6.49 17.36 7.37
N TYR B 278 7.07 18.52 7.02
CA TYR B 278 7.33 19.54 8.04
C TYR B 278 6.06 19.95 8.78
N TYR B 279 4.94 20.03 8.07
CA TYR B 279 3.71 20.53 8.67
C TYR B 279 3.02 19.51 9.56
N VAL B 280 3.10 18.22 9.22
CA VAL B 280 2.20 17.23 9.79
C VAL B 280 2.90 16.11 10.54
N ALA B 281 4.21 15.94 10.38
CA ALA B 281 4.88 14.75 10.92
C ALA B 281 4.60 14.56 12.41
N SER B 282 4.91 15.57 13.22
CA SER B 282 4.79 15.44 14.66
C SER B 282 3.36 15.66 15.17
N ALA B 283 2.44 16.10 14.32
CA ALA B 283 1.08 16.36 14.76
C ALA B 283 0.30 15.09 15.09
N PHE B 284 0.67 13.97 14.48
CA PHE B 284 -0.06 12.72 14.63
C PHE B 284 0.72 11.76 15.52
N THR B 285 0.05 11.23 16.54
CA THR B 285 0.57 10.13 17.34
C THR B 285 -0.34 8.92 17.18
N LEU B 286 0.25 7.76 16.94
CA LEU B 286 -0.49 6.53 16.69
C LEU B 286 -0.45 5.64 17.93
N ALA B 287 -1.61 5.14 18.34
CA ALA B 287 -1.71 4.18 19.43
C ALA B 287 -2.19 2.85 18.85
N VAL B 288 -1.40 1.81 19.07
CA VAL B 288 -1.76 0.46 18.63
C VAL B 288 -1.87 -0.42 19.87
N ASN B 289 -2.70 -1.45 19.77
CA ASN B 289 -2.89 -2.39 20.87
C ASN B 289 -2.14 -3.69 20.59
N ILE B 290 -1.52 -4.24 21.63
CA ILE B 290 -0.91 -5.57 21.51
C ILE B 290 -2.03 -6.60 21.48
N ILE B 291 -2.27 -7.19 20.31
CA ILE B 291 -3.37 -8.13 20.15
C ILE B 291 -2.92 -9.57 20.29
N ALA B 292 -1.62 -9.84 20.18
CA ALA B 292 -1.16 -11.21 20.37
C ALA B 292 0.28 -11.21 20.88
N LYS B 293 0.70 -12.35 21.41
CA LYS B 293 1.97 -12.43 22.09
C LYS B 293 2.51 -13.86 22.01
N LYS B 294 3.81 -13.97 21.75
CA LYS B 294 4.51 -15.24 21.77
C LYS B 294 5.80 -15.07 22.56
N ILE B 295 6.16 -16.09 23.32
CA ILE B 295 7.39 -16.12 24.10
C ILE B 295 8.30 -17.19 23.51
N VAL B 296 9.52 -16.80 23.16
CA VAL B 296 10.48 -17.69 22.52
C VAL B 296 11.68 -17.80 23.44
N LEU B 297 11.99 -19.02 23.87
CA LEU B 297 13.11 -19.27 24.77
C LEU B 297 14.43 -19.19 24.02
N GLU B 311 17.94 -14.84 26.88
CA GLU B 311 17.30 -16.14 27.09
C GLU B 311 15.83 -16.09 26.67
N GLN B 312 15.06 -15.29 27.39
CA GLN B 312 13.64 -15.09 27.11
C GLN B 312 13.50 -13.93 26.13
N THR B 313 12.83 -14.18 25.00
CA THR B 313 12.56 -13.15 24.01
C THR B 313 11.08 -13.15 23.67
N PHE B 314 10.61 -12.02 23.14
CA PHE B 314 9.17 -11.84 22.92
C PHE B 314 8.86 -11.39 21.51
N MET B 315 7.72 -11.88 21.00
CA MET B 315 7.13 -11.42 19.75
C MET B 315 5.76 -10.85 20.07
N TYR B 316 5.55 -9.58 19.75
CA TYR B 316 4.28 -8.91 19.98
C TYR B 316 3.60 -8.65 18.65
N TYR B 317 2.30 -8.90 18.57
CA TYR B 317 1.51 -8.60 17.39
C TYR B 317 0.53 -7.49 17.73
N VAL B 318 0.57 -6.41 16.95
CA VAL B 318 -0.27 -5.24 17.15
C VAL B 318 -1.20 -5.08 15.96
N ASN B 319 -2.22 -4.23 16.12
CA ASN B 319 -3.30 -4.11 15.15
C ASN B 319 -3.09 -2.97 14.15
N ASP B 320 -1.85 -2.70 13.79
CA ASP B 320 -1.51 -1.86 12.64
C ASP B 320 -0.20 -2.37 12.07
N GLY B 321 -0.05 -2.29 10.74
CA GLY B 321 1.12 -2.89 10.13
C GLY B 321 1.64 -2.25 8.86
N VAL B 322 2.53 -2.97 8.17
CA VAL B 322 3.18 -2.45 6.96
C VAL B 322 2.17 -2.24 5.84
N TYR B 323 1.10 -3.02 5.80
CA TYR B 323 0.03 -2.71 4.85
C TYR B 323 -0.78 -1.50 5.27
N GLY B 324 -0.75 -1.14 6.55
CA GLY B 324 -1.45 0.01 7.04
C GLY B 324 -0.58 1.24 7.20
N SER B 325 -0.55 1.79 8.43
CA SER B 325 0.19 3.01 8.70
C SER B 325 1.69 2.85 8.53
N PHE B 326 2.22 1.65 8.77
CA PHE B 326 3.66 1.43 8.77
C PHE B 326 4.22 1.09 7.39
N ASN B 327 3.46 1.33 6.32
CA ASN B 327 4.00 1.19 4.98
C ASN B 327 5.19 2.11 4.78
N CYS B 328 5.28 3.19 5.55
CA CYS B 328 6.41 4.10 5.51
C CYS B 328 7.73 3.39 5.78
N ILE B 329 7.69 2.22 6.42
CA ILE B 329 8.92 1.46 6.64
C ILE B 329 9.57 1.10 5.31
N LEU B 330 8.77 0.71 4.33
CA LEU B 330 9.28 0.32 3.02
C LEU B 330 9.23 1.46 2.01
N TYR B 331 8.08 2.13 1.86
CA TYR B 331 7.97 3.20 0.87
C TYR B 331 8.79 4.42 1.25
N ASP B 332 8.77 4.82 2.53
CA ASP B 332 9.38 6.06 2.96
C ASP B 332 10.69 5.87 3.70
N HIS B 333 11.20 4.63 3.77
CA HIS B 333 12.45 4.31 4.46
C HIS B 333 12.43 4.79 5.92
N ALA B 334 11.28 4.62 6.57
CA ALA B 334 11.12 5.09 7.94
C ALA B 334 11.64 4.08 8.95
N HIS B 335 12.14 4.60 10.07
CA HIS B 335 12.49 3.80 11.23
C HIS B 335 11.61 4.25 12.39
N VAL B 336 10.89 3.32 12.99
CA VAL B 336 9.88 3.62 14.00
C VAL B 336 10.38 3.18 15.36
N LYS B 337 10.17 4.02 16.36
CA LYS B 337 10.58 3.75 17.73
C LYS B 337 9.35 3.53 18.60
N PRO B 338 9.11 2.32 19.09
CA PRO B 338 7.95 2.10 19.97
C PRO B 338 8.16 2.75 21.33
N LEU B 339 7.09 3.33 21.86
CA LEU B 339 7.10 4.00 23.15
C LEU B 339 6.02 3.39 24.03
N LEU B 340 6.36 3.15 25.30
CA LEU B 340 5.42 2.56 26.23
C LEU B 340 4.44 3.61 26.72
N GLN B 341 3.14 3.31 26.60
CA GLN B 341 2.13 4.24 27.09
C GLN B 341 2.22 4.39 28.61
N LYS B 342 2.44 3.28 29.31
CA LYS B 342 2.62 3.29 30.76
C LYS B 342 4.12 3.40 31.04
N ARG B 343 4.53 4.52 31.65
CA ARG B 343 5.95 4.77 31.89
C ARG B 343 6.58 3.65 32.70
N PRO B 344 7.72 3.10 32.27
CA PRO B 344 8.29 1.91 32.91
C PRO B 344 9.31 2.19 34.01
N LYS B 345 9.14 1.56 35.17
CA LYS B 345 10.09 1.71 36.25
C LYS B 345 11.45 1.17 35.82
N PRO B 346 12.55 1.89 36.13
CA PRO B 346 13.86 1.50 35.59
C PRO B 346 14.31 0.09 35.98
N ASP B 347 14.02 -0.33 37.21
CA ASP B 347 14.52 -1.60 37.70
C ASP B 347 14.03 -2.81 36.90
N GLU B 348 12.80 -2.75 36.37
CA GLU B 348 12.25 -3.90 35.67
C GLU B 348 13.10 -4.27 34.46
N LYS B 349 13.27 -5.58 34.27
CA LYS B 349 14.15 -6.11 33.24
C LYS B 349 13.60 -5.86 31.82
N TYR B 350 14.53 -5.65 30.89
CA TYR B 350 14.22 -5.48 29.47
C TYR B 350 14.58 -6.75 28.71
N TYR B 351 13.76 -7.11 27.72
CA TYR B 351 13.97 -8.30 26.92
C TYR B 351 14.01 -7.95 25.44
N SER B 352 14.73 -8.78 24.68
CA SER B 352 14.76 -8.64 23.23
C SER B 352 13.38 -8.97 22.68
N SER B 353 12.86 -8.10 21.82
CA SER B 353 11.51 -8.26 21.32
C SER B 353 11.42 -7.85 19.87
N SER B 354 10.43 -8.40 19.19
CA SER B 354 10.06 -8.05 17.83
C SER B 354 8.59 -7.67 17.81
N ILE B 355 8.24 -6.74 16.92
CA ILE B 355 6.87 -6.25 16.78
C ILE B 355 6.38 -6.54 15.37
N TRP B 356 5.18 -7.11 15.26
CA TRP B 356 4.62 -7.58 14.01
C TRP B 356 3.24 -6.99 13.80
N GLY B 357 2.86 -6.88 12.52
CA GLY B 357 1.55 -6.42 12.14
C GLY B 357 0.50 -7.52 12.18
N PRO B 358 -0.75 -7.11 12.01
CA PRO B 358 -1.86 -8.08 12.12
C PRO B 358 -1.97 -9.06 10.96
N THR B 359 -1.51 -8.69 9.77
CA THR B 359 -1.77 -9.49 8.57
C THR B 359 -1.07 -10.85 8.62
N CYS B 360 -1.54 -11.76 7.78
CA CYS B 360 -0.99 -13.12 7.65
C CYS B 360 0.30 -13.18 6.85
N ASP B 361 0.84 -12.04 6.44
CA ASP B 361 2.06 -12.00 5.65
C ASP B 361 3.27 -12.03 6.58
N GLY B 362 4.23 -12.91 6.27
CA GLY B 362 5.43 -13.01 7.10
C GLY B 362 6.36 -11.83 6.97
N LEU B 363 6.12 -10.94 6.01
CA LEU B 363 6.93 -9.75 5.80
C LEU B 363 6.37 -8.55 6.57
N ASP B 364 5.19 -8.70 7.17
CA ASP B 364 4.54 -7.64 7.94
C ASP B 364 5.17 -7.60 9.33
N ARG B 365 6.35 -7.00 9.39
CA ARG B 365 7.13 -6.86 10.62
C ARG B 365 7.48 -5.38 10.81
N ILE B 366 7.03 -4.80 11.92
CA ILE B 366 7.27 -3.39 12.17
C ILE B 366 8.67 -3.15 12.74
N VAL B 367 9.07 -3.94 13.73
CA VAL B 367 10.35 -3.76 14.41
C VAL B 367 11.02 -5.12 14.53
N GLU B 368 12.20 -5.25 13.93
CA GLU B 368 12.91 -6.53 13.96
C GLU B 368 13.42 -6.85 15.36
N ARG B 369 14.14 -5.91 15.98
CA ARG B 369 14.69 -6.16 17.30
C ARG B 369 14.73 -4.87 18.10
N CYS B 370 14.21 -4.92 19.33
CA CYS B 370 14.22 -3.78 20.25
C CYS B 370 14.18 -4.33 21.66
N ASP B 371 14.40 -3.46 22.64
CA ASP B 371 14.38 -3.85 24.05
C ASP B 371 13.11 -3.29 24.70
N LEU B 372 12.30 -4.18 25.25
CA LEU B 372 11.06 -3.79 25.91
C LEU B 372 10.87 -4.61 27.17
N PRO B 373 10.25 -4.05 28.21
CA PRO B 373 9.78 -4.88 29.32
C PRO B 373 8.70 -5.83 28.84
N GLU B 374 8.45 -6.87 29.62
CA GLU B 374 7.40 -7.80 29.25
C GLU B 374 6.05 -7.08 29.26
N MET B 375 5.35 -7.16 28.13
CA MET B 375 4.07 -6.53 27.95
C MET B 375 3.02 -7.62 27.73
N HIS B 376 1.75 -7.24 27.79
CA HIS B 376 0.67 -8.19 27.74
C HIS B 376 -0.38 -7.75 26.73
N VAL B 377 -1.16 -8.73 26.27
CA VAL B 377 -2.24 -8.44 25.34
C VAL B 377 -3.20 -7.46 25.99
N GLY B 378 -3.58 -6.42 25.24
CA GLY B 378 -4.36 -5.33 25.75
C GLY B 378 -3.54 -4.11 26.13
N ASP B 379 -2.22 -4.27 26.25
CA ASP B 379 -1.36 -3.11 26.48
C ASP B 379 -1.25 -2.29 25.21
N TRP B 380 -0.92 -1.02 25.37
CA TRP B 380 -0.84 -0.08 24.27
C TRP B 380 0.60 0.31 23.98
N MET B 381 0.89 0.52 22.70
CA MET B 381 2.17 1.02 22.23
C MET B 381 1.91 2.30 21.45
N LEU B 382 2.80 3.27 21.62
CA LEU B 382 2.66 4.57 20.98
C LEU B 382 3.80 4.78 20.00
N PHE B 383 3.47 5.37 18.85
CA PHE B 383 4.46 5.77 17.86
C PHE B 383 4.22 7.24 17.56
N GLU B 384 5.20 8.07 17.91
CA GLU B 384 5.14 9.50 17.67
C GLU B 384 5.63 9.82 16.26
N ASN B 385 5.30 11.04 15.81
CA ASN B 385 5.75 11.55 14.52
C ASN B 385 5.31 10.64 13.37
N MET B 386 4.03 10.24 13.42
CA MET B 386 3.43 9.36 12.42
C MET B 386 2.50 10.13 11.47
N GLY B 387 2.65 11.45 11.37
CA GLY B 387 1.79 12.23 10.51
C GLY B 387 2.07 12.07 9.02
N ALA B 388 3.33 11.88 8.66
CA ALA B 388 3.75 12.03 7.27
C ALA B 388 3.84 10.67 6.58
N TYR B 389 3.20 10.58 5.41
CA TYR B 389 3.29 9.42 4.52
C TYR B 389 2.96 8.11 5.24
N THR B 390 1.97 8.15 6.12
CA THR B 390 1.50 6.95 6.82
C THR B 390 0.08 6.59 6.43
N VAL B 391 -0.91 7.44 6.76
CA VAL B 391 -2.28 7.14 6.37
C VAL B 391 -2.49 7.36 4.88
N ALA B 392 -1.77 8.31 4.29
CA ALA B 392 -1.92 8.61 2.86
C ALA B 392 -1.65 7.41 1.97
N ALA B 393 -0.90 6.42 2.44
CA ALA B 393 -0.51 5.27 1.63
C ALA B 393 -1.00 3.95 2.22
N ALA B 394 -1.93 4.00 3.17
CA ALA B 394 -2.43 2.79 3.79
C ALA B 394 -3.44 2.09 2.90
N SER B 395 -3.49 0.76 3.01
CA SER B 395 -4.45 -0.05 2.29
C SER B 395 -5.24 -0.90 3.28
N THR B 396 -6.31 -1.52 2.77
CA THR B 396 -7.15 -2.40 3.57
C THR B 396 -6.84 -3.88 3.34
N PHE B 397 -5.58 -4.20 3.04
CA PHE B 397 -5.19 -5.59 2.82
C PHE B 397 -5.57 -6.44 4.03
N ASN B 398 -6.15 -7.61 3.74
CA ASN B 398 -6.66 -8.58 4.70
C ASN B 398 -7.91 -8.10 5.42
N GLY B 399 -8.51 -7.00 4.96
CA GLY B 399 -9.72 -6.50 5.58
C GLY B 399 -9.53 -5.65 6.81
N PHE B 400 -8.30 -5.32 7.18
CA PHE B 400 -8.08 -4.48 8.36
C PHE B 400 -8.29 -3.01 8.00
N GLN B 401 -9.18 -2.36 8.74
CA GLN B 401 -9.58 -0.99 8.47
C GLN B 401 -8.55 0.02 8.95
N ARG B 402 -8.63 1.22 8.38
CA ARG B 402 -7.75 2.30 8.77
C ARG B 402 -8.08 2.76 10.19
N PRO B 403 -7.08 3.11 10.99
CA PRO B 403 -7.36 3.58 12.36
C PRO B 403 -8.14 4.88 12.34
N THR B 404 -9.04 5.03 13.32
CA THR B 404 -9.77 6.28 13.48
C THR B 404 -8.81 7.39 13.91
N ILE B 405 -8.99 8.57 13.34
CA ILE B 405 -8.20 9.75 13.68
C ILE B 405 -9.06 10.68 14.52
N TYR B 406 -8.56 11.06 15.70
CA TYR B 406 -9.24 12.01 16.58
C TYR B 406 -8.50 13.34 16.51
N TYR B 407 -9.19 14.37 16.02
CA TYR B 407 -8.60 15.69 15.87
C TYR B 407 -8.86 16.52 17.12
N VAL B 408 -7.80 17.14 17.66
CA VAL B 408 -7.90 17.98 18.84
C VAL B 408 -7.33 19.35 18.53
N MET B 409 -7.82 20.35 19.24
CA MET B 409 -7.34 21.72 19.11
C MET B 409 -7.74 22.49 20.35
N SER B 410 -6.78 23.23 20.92
CA SER B 410 -7.09 24.04 22.08
C SER B 410 -7.76 25.35 21.66
N GLY B 411 -8.27 26.07 22.64
CA GLY B 411 -8.88 27.36 22.42
C GLY B 411 -7.92 28.40 21.89
N PRO B 412 -6.78 28.59 22.58
CA PRO B 412 -5.77 29.53 22.06
C PRO B 412 -5.30 29.22 20.65
N ALA B 413 -5.13 27.94 20.31
CA ALA B 413 -4.76 27.58 18.94
C ALA B 413 -5.82 28.03 17.95
N TRP B 414 -7.09 27.86 18.32
CA TRP B 414 -8.18 28.32 17.44
C TRP B 414 -8.16 29.83 17.29
N GLN B 415 -7.83 30.56 18.37
CA GLN B 415 -7.70 32.00 18.28
C GLN B 415 -6.59 32.40 17.33
N LEU B 416 -5.47 31.67 17.39
CA LEU B 416 -4.37 31.92 16.47
C LEU B 416 -4.82 31.70 15.02
N MET B 417 -5.57 30.63 14.79
CA MET B 417 -6.09 30.37 13.45
C MET B 417 -7.01 31.51 13.00
N GLN B 418 -7.83 32.03 13.91
CA GLN B 418 -8.68 33.16 13.58
C GLN B 418 -7.85 34.38 13.20
N GLN B 419 -6.76 34.62 13.94
CA GLN B 419 -5.86 35.71 13.58
C GLN B 419 -5.35 35.53 12.16
N PHE B 420 -5.04 34.29 11.78
CA PHE B 420 -4.60 34.05 10.40
C PHE B 420 -5.72 34.27 9.40
N GLN B 421 -6.92 33.80 9.70
CA GLN B 421 -8.06 34.00 8.81
C GLN B 421 -8.32 35.48 8.51
N ASN B 422 -7.63 36.38 9.21
CA ASN B 422 -7.76 37.82 9.02
C ASN B 422 -6.37 38.38 8.72
#